data_2AP6
#
_entry.id   2AP6
#
_cell.length_a   134.832
_cell.length_b   134.830
_cell.length_c   56.320
_cell.angle_alpha   90.00
_cell.angle_beta   90.00
_cell.angle_gamma   90.00
#
_symmetry.space_group_name_H-M   'P 21 21 2'
#
loop_
_entity.id
_entity.type
_entity.pdbx_description
1 polymer 'hypothetical protein Atu4242'
2 water water
#
_entity_poly.entity_id   1
_entity_poly.type   'polypeptide(L)'
_entity_poly.pdbx_seq_one_letter_code
;(MSE)FYEIRTYRLKNGAIPAYLKVVEDEGIEIQKSHLGELVGYFFSEIGPINEIVHIWAFSSLDDRAERRARL(MSE)A
DPRWLSFLPKIRDLIEVAENKI(MSE)KPARFSPL(MSE)LEHHHHHH
;
_entity_poly.pdbx_strand_id   A,B,C,D,E,F,G,H
#
# COMPACT_ATOMS: atom_id res chain seq x y z
N PHE A 2 -17.59 -9.68 19.59
CA PHE A 2 -16.44 -9.13 18.88
C PHE A 2 -16.01 -10.13 17.82
N TYR A 3 -15.61 -9.62 16.66
CA TYR A 3 -15.14 -10.48 15.60
C TYR A 3 -13.72 -10.13 15.23
N GLU A 4 -12.83 -11.12 15.35
CA GLU A 4 -11.43 -10.93 14.99
C GLU A 4 -11.21 -11.54 13.63
N ILE A 5 -10.64 -10.75 12.73
CA ILE A 5 -10.35 -11.21 11.39
C ILE A 5 -8.84 -11.21 11.18
N ARG A 6 -8.29 -12.39 10.98
CA ARG A 6 -6.85 -12.54 10.75
C ARG A 6 -6.62 -12.88 9.29
N THR A 7 -5.71 -12.12 8.66
CA THR A 7 -5.37 -12.31 7.27
C THR A 7 -3.87 -12.55 7.10
N TYR A 8 -3.51 -13.67 6.49
CA TYR A 8 -2.11 -13.97 6.28
C TYR A 8 -1.79 -14.12 4.81
N ARG A 9 -0.57 -13.78 4.45
CA ARG A 9 -0.10 -13.98 3.08
C ARG A 9 0.99 -15.02 3.28
N LEU A 10 0.79 -16.19 2.70
CA LEU A 10 1.73 -17.31 2.81
C LEU A 10 2.76 -17.30 1.70
N LYS A 11 3.78 -18.14 1.87
CA LYS A 11 4.84 -18.30 0.88
C LYS A 11 4.10 -18.77 -0.37
N ASN A 12 4.52 -18.30 -1.53
CA ASN A 12 3.85 -18.70 -2.76
C ASN A 12 3.78 -20.23 -2.92
N GLY A 13 2.57 -20.74 -2.97
CA GLY A 13 2.38 -22.17 -3.12
C GLY A 13 2.22 -22.94 -1.83
N ALA A 14 2.21 -22.24 -0.69
CA ALA A 14 2.09 -22.90 0.60
C ALA A 14 0.70 -23.20 1.15
N ILE A 15 -0.36 -22.70 0.53
CA ILE A 15 -1.72 -22.93 1.03
C ILE A 15 -2.09 -24.40 1.25
N PRO A 16 -1.82 -25.29 0.28
CA PRO A 16 -2.17 -26.70 0.46
C PRO A 16 -1.54 -27.32 1.69
N ALA A 17 -0.24 -27.07 1.86
CA ALA A 17 0.54 -27.58 2.97
C ALA A 17 0.02 -27.01 4.29
N TYR A 18 -0.21 -25.71 4.28
CA TYR A 18 -0.71 -24.98 5.43
C TYR A 18 -2.05 -25.54 5.91
N LEU A 19 -3.01 -25.61 5.01
CA LEU A 19 -4.34 -26.12 5.34
C LEU A 19 -4.33 -27.57 5.81
N LYS A 20 -3.39 -28.36 5.31
CA LYS A 20 -3.33 -29.77 5.73
C LYS A 20 -2.87 -29.93 7.18
N VAL A 21 -1.79 -29.24 7.55
CA VAL A 21 -1.25 -29.32 8.90
C VAL A 21 -2.16 -28.64 9.91
N VAL A 22 -2.85 -27.59 9.48
CA VAL A 22 -3.77 -26.89 10.38
C VAL A 22 -4.93 -27.84 10.68
N GLU A 23 -5.47 -28.44 9.63
CA GLU A 23 -6.57 -29.38 9.79
C GLU A 23 -6.14 -30.58 10.62
N ASP A 24 -4.98 -31.13 10.32
CA ASP A 24 -4.46 -32.29 11.04
C ASP A 24 -3.93 -32.05 12.45
N GLU A 25 -3.37 -30.88 12.73
CA GLU A 25 -2.81 -30.67 14.06
C GLU A 25 -3.07 -29.36 14.80
N GLY A 26 -3.68 -28.39 14.15
CA GLY A 26 -3.84 -27.13 14.85
C GLY A 26 -5.22 -26.61 15.15
N ILE A 27 -6.13 -26.76 14.19
CA ILE A 27 -7.48 -26.25 14.36
C ILE A 27 -8.27 -26.75 15.58
N GLU A 28 -8.16 -28.04 15.92
CA GLU A 28 -8.90 -28.56 17.08
C GLU A 28 -8.36 -27.97 18.38
N ILE A 29 -7.04 -27.92 18.49
CA ILE A 29 -6.39 -27.37 19.68
C ILE A 29 -6.82 -25.92 19.83
N GLN A 30 -6.80 -25.21 18.71
CA GLN A 30 -7.13 -23.80 18.65
C GLN A 30 -8.59 -23.54 18.99
N LYS A 31 -9.48 -24.38 18.48
CA LYS A 31 -10.91 -24.23 18.73
C LYS A 31 -11.28 -24.51 20.19
N SER A 32 -10.57 -25.44 20.82
CA SER A 32 -10.85 -25.80 22.21
C SER A 32 -10.47 -24.65 23.15
N HIS A 33 -9.64 -23.72 22.66
CA HIS A 33 -9.22 -22.58 23.46
C HIS A 33 -9.95 -21.31 23.10
N LEU A 34 -9.97 -21.00 21.80
CA LEU A 34 -10.58 -19.78 21.27
C LEU A 34 -12.11 -19.68 21.27
N GLY A 35 -12.80 -20.82 21.25
CA GLY A 35 -14.24 -20.79 21.28
C GLY A 35 -15.01 -21.00 20.00
N GLU A 36 -15.43 -19.92 19.37
CA GLU A 36 -16.21 -20.02 18.13
C GLU A 36 -15.50 -19.57 16.86
N LEU A 37 -15.24 -20.52 15.98
CA LEU A 37 -14.62 -20.23 14.69
C LEU A 37 -15.80 -19.84 13.80
N VAL A 38 -15.73 -18.67 13.18
CA VAL A 38 -16.82 -18.21 12.32
C VAL A 38 -16.64 -18.67 10.87
N GLY A 39 -15.41 -18.63 10.38
CA GLY A 39 -15.11 -19.03 9.02
C GLY A 39 -13.62 -19.10 8.79
N TYR A 40 -13.20 -19.97 7.90
CA TYR A 40 -11.79 -20.16 7.58
C TYR A 40 -11.70 -20.32 6.05
N PHE A 41 -11.14 -19.32 5.38
CA PHE A 41 -11.06 -19.32 3.93
C PHE A 41 -9.66 -19.16 3.37
N PHE A 42 -9.50 -19.57 2.11
CA PHE A 42 -8.24 -19.42 1.40
C PHE A 42 -8.60 -18.80 0.05
N SER A 43 -7.67 -18.03 -0.52
CA SER A 43 -7.93 -17.33 -1.76
C SER A 43 -8.32 -18.12 -3.01
N GLU A 44 -8.95 -17.42 -3.95
CA GLU A 44 -9.41 -17.98 -5.22
C GLU A 44 -9.30 -16.87 -6.26
N ILE A 45 -9.93 -15.73 -5.98
CA ILE A 45 -9.86 -14.58 -6.86
C ILE A 45 -9.58 -13.36 -6.01
N GLY A 46 -8.43 -12.74 -6.26
CA GLY A 46 -8.02 -11.56 -5.52
C GLY A 46 -6.60 -11.80 -5.04
N PRO A 47 -6.29 -11.45 -3.78
CA PRO A 47 -4.93 -11.67 -3.28
C PRO A 47 -4.66 -13.18 -3.30
N ILE A 48 -3.54 -13.57 -3.88
CA ILE A 48 -3.16 -14.98 -3.98
C ILE A 48 -2.28 -15.41 -2.78
N ASN A 49 -2.41 -16.69 -2.39
CA ASN A 49 -1.66 -17.24 -1.25
C ASN A 49 -2.17 -16.63 0.04
N GLU A 50 -3.47 -16.37 0.11
CA GLU A 50 -4.04 -15.74 1.29
C GLU A 50 -4.94 -16.62 2.11
N ILE A 51 -4.85 -16.45 3.42
CA ILE A 51 -5.66 -17.16 4.39
C ILE A 51 -6.42 -16.12 5.22
N VAL A 52 -7.71 -16.35 5.41
CA VAL A 52 -8.54 -15.46 6.21
C VAL A 52 -9.45 -16.29 7.11
N HIS A 53 -9.30 -16.12 8.41
CA HIS A 53 -10.15 -16.81 9.36
C HIS A 53 -10.74 -15.82 10.36
N ILE A 54 -11.97 -16.08 10.77
CA ILE A 54 -12.67 -15.20 11.69
C ILE A 54 -13.11 -15.90 12.96
N TRP A 55 -12.85 -15.26 14.10
CA TRP A 55 -13.22 -15.80 15.41
C TRP A 55 -14.06 -14.78 16.18
N ALA A 56 -15.09 -15.28 16.89
CA ALA A 56 -15.95 -14.40 17.68
C ALA A 56 -15.65 -14.48 19.19
N PHE A 57 -15.59 -13.32 19.84
CA PHE A 57 -15.31 -13.25 21.27
C PHE A 57 -16.37 -12.42 21.99
N SER A 58 -16.79 -12.89 23.17
CA SER A 58 -17.80 -12.20 23.95
C SER A 58 -17.29 -10.82 24.37
N SER A 59 -16.03 -10.77 24.77
CA SER A 59 -15.40 -9.50 25.17
C SER A 59 -13.92 -9.60 24.79
N LEU A 60 -13.24 -8.46 24.75
CA LEU A 60 -11.83 -8.45 24.39
C LEU A 60 -10.93 -8.95 25.50
N ASP A 61 -11.38 -8.87 26.74
CA ASP A 61 -10.59 -9.37 27.85
C ASP A 61 -10.73 -10.89 27.86
N ASP A 62 -11.87 -11.37 27.35
CA ASP A 62 -12.09 -12.80 27.28
C ASP A 62 -11.20 -13.33 26.15
N ARG A 63 -11.08 -12.55 25.08
CA ARG A 63 -10.21 -12.91 23.97
C ARG A 63 -8.77 -13.03 24.47
N ALA A 64 -8.34 -12.04 25.24
CA ALA A 64 -7.00 -12.01 25.80
C ALA A 64 -6.77 -13.24 26.67
N GLU A 65 -7.78 -13.59 27.46
CA GLU A 65 -7.72 -14.72 28.36
C GLU A 65 -7.57 -16.03 27.60
N ARG A 66 -8.40 -16.20 26.58
CA ARG A 66 -8.41 -17.40 25.75
C ARG A 66 -7.13 -17.59 24.94
N ARG A 67 -6.64 -16.49 24.37
CA ARG A 67 -5.41 -16.54 23.59
C ARG A 67 -4.18 -16.79 24.48
N ALA A 68 -4.25 -16.38 25.75
CA ALA A 68 -3.16 -16.58 26.69
C ALA A 68 -3.08 -18.06 27.02
N ARG A 69 -4.23 -18.69 27.14
CA ARG A 69 -4.29 -20.11 27.43
C ARG A 69 -3.84 -20.93 26.21
N LEU A 70 -4.21 -20.47 25.02
CA LEU A 70 -3.83 -21.15 23.79
C LEU A 70 -2.30 -21.07 23.63
N ALA A 72 -0.18 -20.84 25.94
CA ALA A 72 0.44 -21.60 27.03
C ALA A 72 0.37 -23.10 26.72
N ASP A 73 -0.56 -23.49 25.87
CA ASP A 73 -0.71 -24.89 25.53
C ASP A 73 0.54 -25.40 24.83
N PRO A 74 1.28 -26.34 25.46
CA PRO A 74 2.49 -26.90 24.86
C PRO A 74 2.23 -27.62 23.55
N ARG A 75 0.99 -28.03 23.32
CA ARG A 75 0.63 -28.72 22.08
C ARG A 75 0.54 -27.68 20.97
N TRP A 76 0.16 -26.46 21.35
CA TRP A 76 0.05 -25.35 20.42
C TRP A 76 1.47 -24.92 20.03
N LEU A 77 2.35 -24.88 21.03
CA LEU A 77 3.74 -24.51 20.84
C LEU A 77 4.49 -25.52 19.99
N SER A 78 4.05 -26.78 20.04
CA SER A 78 4.68 -27.82 19.24
C SER A 78 4.20 -27.75 17.80
N PHE A 79 3.02 -27.17 17.61
CA PHE A 79 2.40 -27.03 16.30
C PHE A 79 2.89 -25.81 15.52
N LEU A 80 2.93 -24.67 16.21
CA LEU A 80 3.34 -23.40 15.61
C LEU A 80 4.48 -23.45 14.60
N PRO A 81 5.60 -24.14 14.95
CA PRO A 81 6.72 -24.23 14.01
C PRO A 81 6.38 -24.82 12.65
N LYS A 82 5.22 -25.48 12.55
CA LYS A 82 4.79 -26.12 11.31
C LYS A 82 4.14 -25.16 10.31
N ILE A 83 3.80 -23.95 10.75
CA ILE A 83 3.20 -22.96 9.87
C ILE A 83 3.91 -21.62 10.01
N ARG A 84 4.80 -21.55 10.99
CA ARG A 84 5.56 -20.34 11.28
C ARG A 84 6.37 -19.80 10.09
N ASP A 85 6.86 -20.70 9.25
CA ASP A 85 7.65 -20.28 8.10
C ASP A 85 6.83 -20.30 6.80
N LEU A 86 5.57 -20.72 6.90
CA LEU A 86 4.68 -20.78 5.76
C LEU A 86 3.99 -19.43 5.58
N ILE A 87 3.88 -18.70 6.69
CA ILE A 87 3.25 -17.38 6.72
C ILE A 87 4.31 -16.30 6.56
N GLU A 88 4.16 -15.43 5.56
CA GLU A 88 5.14 -14.37 5.33
C GLU A 88 4.77 -13.06 6.01
N VAL A 89 3.53 -12.63 5.78
CA VAL A 89 3.00 -11.38 6.35
C VAL A 89 1.63 -11.65 6.97
N ALA A 90 1.35 -10.99 8.09
CA ALA A 90 0.06 -11.16 8.75
C ALA A 90 -0.44 -9.90 9.43
N GLU A 91 -1.71 -9.90 9.77
CA GLU A 91 -2.35 -8.80 10.48
C GLU A 91 -3.72 -9.27 10.92
N ASN A 92 -4.25 -8.62 11.94
CA ASN A 92 -5.56 -8.98 12.46
C ASN A 92 -6.32 -7.71 12.83
N LYS A 93 -7.65 -7.80 12.85
CA LYS A 93 -8.45 -6.66 13.22
C LYS A 93 -9.71 -7.09 13.95
N ILE A 94 -10.20 -6.21 14.83
CA ILE A 94 -11.42 -6.48 15.58
C ILE A 94 -12.55 -5.66 15.00
N LYS A 96 -17.16 -5.22 14.75
CA LYS A 96 -18.42 -5.46 15.42
C LYS A 96 -19.48 -5.77 14.38
N PRO A 97 -20.47 -6.61 14.74
CA PRO A 97 -21.55 -6.99 13.82
C PRO A 97 -22.60 -5.90 13.68
N ALA A 98 -23.12 -5.74 12.46
CA ALA A 98 -24.17 -4.76 12.23
C ALA A 98 -25.41 -5.36 12.89
N ARG A 99 -26.39 -4.55 13.23
CA ARG A 99 -27.60 -5.06 13.87
C ARG A 99 -28.28 -6.10 12.98
N PHE A 100 -28.06 -5.97 11.68
CA PHE A 100 -28.66 -6.88 10.72
C PHE A 100 -27.73 -8.00 10.25
N SER A 101 -26.68 -8.24 11.03
CA SER A 101 -25.73 -9.29 10.71
C SER A 101 -26.21 -10.61 11.33
N PRO A 102 -26.10 -11.73 10.59
CA PRO A 102 -26.53 -13.01 11.16
C PRO A 102 -25.63 -13.19 12.35
N LEU A 103 -24.36 -12.86 12.13
CA LEU A 103 -23.31 -12.92 13.14
C LEU A 103 -23.50 -11.73 14.08
N PHE B 2 -18.84 -20.79 -2.50
CA PHE B 2 -17.96 -19.67 -2.74
C PHE B 2 -18.30 -18.56 -1.75
N TYR B 3 -17.28 -17.87 -1.25
CA TYR B 3 -17.50 -16.79 -0.32
C TYR B 3 -16.95 -15.50 -0.87
N GLU B 4 -17.82 -14.51 -1.01
CA GLU B 4 -17.40 -13.21 -1.51
C GLU B 4 -17.26 -12.26 -0.34
N ILE B 5 -16.09 -11.64 -0.23
CA ILE B 5 -15.83 -10.70 0.84
C ILE B 5 -15.67 -9.31 0.26
N ARG B 6 -16.58 -8.41 0.63
CA ARG B 6 -16.53 -7.03 0.17
C ARG B 6 -16.08 -6.11 1.31
N THR B 7 -15.09 -5.28 1.02
CA THR B 7 -14.53 -4.35 2.00
C THR B 7 -14.62 -2.91 1.51
N TYR B 8 -15.31 -2.07 2.27
CA TYR B 8 -15.40 -0.67 1.87
C TYR B 8 -14.78 0.26 2.90
N ARG B 9 -14.24 1.39 2.43
CA ARG B 9 -13.71 2.40 3.31
C ARG B 9 -14.66 3.55 3.05
N LEU B 10 -15.39 3.96 4.08
CA LEU B 10 -16.36 5.03 3.96
C LEU B 10 -15.78 6.38 4.29
N LYS B 11 -16.55 7.41 4.00
CA LYS B 11 -16.15 8.78 4.31
C LYS B 11 -15.99 8.80 5.82
N ASN B 12 -14.98 9.49 6.31
CA ASN B 12 -14.77 9.55 7.75
C ASN B 12 -16.03 9.95 8.52
N GLY B 13 -16.51 9.05 9.37
CA GLY B 13 -17.67 9.34 10.18
C GLY B 13 -19.00 8.90 9.58
N ALA B 14 -18.95 8.20 8.44
CA ALA B 14 -20.17 7.76 7.78
C ALA B 14 -20.75 6.41 8.17
N ILE B 15 -20.04 5.62 8.97
CA ILE B 15 -20.55 4.30 9.36
C ILE B 15 -21.96 4.29 9.97
N PRO B 16 -22.24 5.17 10.95
CA PRO B 16 -23.57 5.18 11.56
C PRO B 16 -24.69 5.39 10.53
N ALA B 17 -24.51 6.39 9.68
CA ALA B 17 -25.47 6.75 8.64
C ALA B 17 -25.63 5.61 7.65
N TYR B 18 -24.50 5.04 7.24
CA TYR B 18 -24.45 3.94 6.31
C TYR B 18 -25.23 2.75 6.84
N LEU B 19 -24.89 2.31 8.05
CA LEU B 19 -25.56 1.16 8.65
C LEU B 19 -27.06 1.37 8.86
N LYS B 20 -27.45 2.60 9.14
CA LYS B 20 -28.87 2.87 9.35
C LYS B 20 -29.69 2.72 8.06
N VAL B 21 -29.23 3.33 6.97
CA VAL B 21 -29.94 3.27 5.70
C VAL B 21 -29.91 1.87 5.07
N VAL B 22 -28.82 1.15 5.31
CA VAL B 22 -28.68 -0.22 4.80
C VAL B 22 -29.70 -1.09 5.53
N GLU B 23 -29.75 -0.95 6.84
CA GLU B 23 -30.70 -1.71 7.65
C GLU B 23 -32.13 -1.38 7.28
N ASP B 24 -32.42 -0.08 7.16
CA ASP B 24 -33.76 0.39 6.84
C ASP B 24 -34.22 0.20 5.40
N GLU B 25 -33.30 0.27 4.44
CA GLU B 25 -33.72 0.17 3.05
C GLU B 25 -32.97 -0.72 2.06
N GLY B 26 -31.83 -1.26 2.45
CA GLY B 26 -31.09 -2.06 1.49
C GLY B 26 -30.88 -3.52 1.73
N ILE B 27 -30.53 -3.88 2.97
CA ILE B 27 -30.25 -5.26 3.31
C ILE B 27 -31.33 -6.29 2.95
N GLU B 28 -32.60 -5.99 3.20
CA GLU B 28 -33.65 -6.97 2.89
C GLU B 28 -33.75 -7.19 1.39
N ILE B 29 -33.71 -6.10 0.63
CA ILE B 29 -33.78 -6.19 -0.83
C ILE B 29 -32.61 -7.03 -1.33
N GLN B 30 -31.44 -6.74 -0.78
CA GLN B 30 -30.19 -7.41 -1.14
C GLN B 30 -30.20 -8.89 -0.80
N LYS B 31 -30.71 -9.22 0.38
CA LYS B 31 -30.77 -10.62 0.83
C LYS B 31 -31.76 -11.45 0.00
N SER B 32 -32.85 -10.83 -0.43
CA SER B 32 -33.85 -11.56 -1.21
C SER B 32 -33.30 -11.95 -2.58
N HIS B 33 -32.25 -11.26 -3.00
CA HIS B 33 -31.61 -11.52 -4.30
C HIS B 33 -30.35 -12.37 -4.19
N LEU B 34 -29.44 -11.95 -3.32
CA LEU B 34 -28.15 -12.63 -3.13
C LEU B 34 -28.17 -13.96 -2.39
N GLY B 35 -29.18 -14.21 -1.58
CA GLY B 35 -29.23 -15.50 -0.91
C GLY B 35 -28.81 -15.59 0.53
N GLU B 36 -27.55 -15.96 0.78
CA GLU B 36 -27.06 -16.11 2.16
C GLU B 36 -26.02 -15.09 2.61
N LEU B 37 -26.40 -14.25 3.57
CA LEU B 37 -25.49 -13.28 4.14
C LEU B 37 -24.77 -14.04 5.26
N VAL B 38 -23.45 -14.04 5.22
CA VAL B 38 -22.66 -14.75 6.23
C VAL B 38 -22.33 -13.88 7.45
N GLY B 39 -22.02 -12.61 7.19
CA GLY B 39 -21.68 -11.68 8.25
C GLY B 39 -21.55 -10.28 7.69
N TYR B 40 -21.88 -9.29 8.52
CA TYR B 40 -21.80 -7.89 8.13
C TYR B 40 -21.20 -7.16 9.32
N PHE B 41 -19.98 -6.65 9.15
CA PHE B 41 -19.25 -6.00 10.24
C PHE B 41 -18.76 -4.60 9.92
N PHE B 42 -18.52 -3.82 10.97
CA PHE B 42 -17.97 -2.47 10.84
C PHE B 42 -16.77 -2.42 11.78
N SER B 43 -15.79 -1.60 11.44
CA SER B 43 -14.55 -1.51 12.21
C SER B 43 -14.65 -1.12 13.69
N GLU B 44 -13.62 -1.51 14.45
CA GLU B 44 -13.51 -1.23 15.88
C GLU B 44 -12.04 -0.97 16.15
N ILE B 45 -11.21 -1.96 15.83
CA ILE B 45 -9.77 -1.85 15.99
C ILE B 45 -9.10 -2.29 14.70
N GLY B 46 -8.41 -1.35 14.07
CA GLY B 46 -7.72 -1.62 12.81
C GLY B 46 -8.11 -0.52 11.85
N PRO B 47 -8.40 -0.86 10.58
CA PRO B 47 -8.78 0.18 9.63
C PRO B 47 -10.08 0.81 10.13
N ILE B 48 -10.10 2.14 10.20
CA ILE B 48 -11.26 2.90 10.67
C ILE B 48 -12.17 3.27 9.50
N ASN B 49 -13.47 3.38 9.77
CA ASN B 49 -14.48 3.71 8.75
C ASN B 49 -14.62 2.57 7.75
N GLU B 50 -14.45 1.35 8.22
CA GLU B 50 -14.52 0.20 7.35
C GLU B 50 -15.73 -0.70 7.52
N ILE B 51 -16.24 -1.19 6.39
CA ILE B 51 -17.37 -2.10 6.35
C ILE B 51 -16.88 -3.38 5.66
N VAL B 52 -17.23 -4.53 6.25
CA VAL B 52 -16.86 -5.83 5.70
C VAL B 52 -18.07 -6.76 5.77
N HIS B 53 -18.57 -7.19 4.61
CA HIS B 53 -19.69 -8.12 4.59
C HIS B 53 -19.37 -9.33 3.71
N ILE B 54 -19.87 -10.49 4.12
CA ILE B 54 -19.59 -11.73 3.41
C ILE B 54 -20.85 -12.46 2.92
N TRP B 55 -20.84 -12.85 1.66
CA TRP B 55 -21.94 -13.56 1.03
C TRP B 55 -21.48 -14.91 0.44
N ALA B 56 -22.29 -15.95 0.63
CA ALA B 56 -21.96 -17.28 0.12
C ALA B 56 -22.75 -17.62 -1.15
N PHE B 57 -22.05 -18.14 -2.16
CA PHE B 57 -22.67 -18.51 -3.43
C PHE B 57 -22.36 -19.98 -3.81
N SER B 58 -23.36 -20.70 -4.28
CA SER B 58 -23.18 -22.09 -4.66
C SER B 58 -22.18 -22.20 -5.82
N SER B 59 -22.27 -21.27 -6.77
CA SER B 59 -21.37 -21.24 -7.91
C SER B 59 -21.20 -19.79 -8.31
N LEU B 60 -20.16 -19.49 -9.08
CA LEU B 60 -19.91 -18.12 -9.51
C LEU B 60 -20.86 -17.65 -10.62
N ASP B 61 -21.41 -18.58 -11.39
CA ASP B 61 -22.36 -18.19 -12.42
C ASP B 61 -23.70 -17.89 -11.73
N ASP B 62 -23.92 -18.53 -10.58
CA ASP B 62 -25.14 -18.32 -9.79
C ASP B 62 -25.00 -16.93 -9.17
N ARG B 63 -23.80 -16.60 -8.73
CA ARG B 63 -23.52 -15.30 -8.17
C ARG B 63 -23.82 -14.23 -9.22
N ALA B 64 -23.28 -14.44 -10.43
CA ALA B 64 -23.48 -13.51 -11.53
C ALA B 64 -24.96 -13.32 -11.80
N GLU B 65 -25.69 -14.42 -11.78
CA GLU B 65 -27.11 -14.44 -12.03
C GLU B 65 -27.87 -13.64 -11.00
N ARG B 66 -27.55 -13.89 -9.74
CA ARG B 66 -28.17 -13.22 -8.60
C ARG B 66 -27.88 -11.73 -8.58
N ARG B 67 -26.63 -11.38 -8.84
CA ARG B 67 -26.23 -9.96 -8.81
C ARG B 67 -26.83 -9.18 -9.98
N ALA B 68 -27.14 -9.88 -11.07
CA ALA B 68 -27.74 -9.27 -12.25
C ALA B 68 -29.19 -8.94 -11.94
N ARG B 69 -29.85 -9.81 -11.20
CA ARG B 69 -31.24 -9.56 -10.84
C ARG B 69 -31.31 -8.45 -9.80
N LEU B 70 -30.33 -8.40 -8.89
CA LEU B 70 -30.29 -7.37 -7.84
C LEU B 70 -30.08 -6.02 -8.51
N ALA B 72 -30.94 -5.22 -11.42
CA ALA B 72 -32.11 -4.88 -12.22
C ALA B 72 -33.28 -4.42 -11.35
N ASP B 73 -33.26 -4.77 -10.07
CA ASP B 73 -34.32 -4.37 -9.16
C ASP B 73 -34.35 -2.85 -9.02
N PRO B 74 -35.44 -2.21 -9.48
CA PRO B 74 -35.55 -0.76 -9.40
C PRO B 74 -35.54 -0.20 -7.97
N ARG B 75 -35.84 -1.08 -7.01
CA ARG B 75 -35.83 -0.71 -5.59
C ARG B 75 -34.38 -0.63 -5.14
N TRP B 76 -33.53 -1.44 -5.75
CA TRP B 76 -32.10 -1.45 -5.42
C TRP B 76 -31.49 -0.19 -6.01
N LEU B 77 -31.94 0.14 -7.22
CA LEU B 77 -31.45 1.30 -7.93
C LEU B 77 -31.86 2.59 -7.23
N SER B 78 -32.99 2.55 -6.54
CA SER B 78 -33.48 3.71 -5.80
C SER B 78 -32.72 3.86 -4.49
N PHE B 79 -32.20 2.74 -4.00
CA PHE B 79 -31.46 2.70 -2.76
C PHE B 79 -29.99 3.11 -2.90
N LEU B 80 -29.33 2.54 -3.90
CA LEU B 80 -27.91 2.80 -4.14
C LEU B 80 -27.43 4.24 -3.91
N PRO B 81 -28.15 5.25 -4.44
CA PRO B 81 -27.71 6.64 -4.24
C PRO B 81 -27.56 7.05 -2.78
N LYS B 82 -28.15 6.26 -1.88
CA LYS B 82 -28.10 6.57 -0.45
C LYS B 82 -26.79 6.18 0.24
N ILE B 83 -25.97 5.37 -0.43
CA ILE B 83 -24.69 4.95 0.15
C ILE B 83 -23.59 5.12 -0.87
N ARG B 84 -23.96 5.50 -2.08
CA ARG B 84 -23.01 5.68 -3.18
C ARG B 84 -21.92 6.71 -2.89
N ASP B 85 -22.25 7.73 -2.11
CA ASP B 85 -21.28 8.77 -1.79
C ASP B 85 -20.73 8.61 -0.37
N LEU B 86 -21.21 7.59 0.34
CA LEU B 86 -20.73 7.32 1.70
C LEU B 86 -19.52 6.41 1.61
N ILE B 87 -19.42 5.67 0.50
CA ILE B 87 -18.32 4.74 0.22
C ILE B 87 -17.25 5.44 -0.61
N GLU B 88 -16.01 5.46 -0.12
CA GLU B 88 -14.95 6.11 -0.87
C GLU B 88 -14.15 5.13 -1.72
N VAL B 89 -13.70 4.05 -1.10
CA VAL B 89 -12.92 3.02 -1.80
C VAL B 89 -13.52 1.65 -1.50
N ALA B 90 -13.49 0.76 -2.48
CA ALA B 90 -14.05 -0.58 -2.30
C ALA B 90 -13.32 -1.65 -3.10
N GLU B 91 -13.55 -2.90 -2.72
CA GLU B 91 -12.94 -4.03 -3.40
C GLU B 91 -13.63 -5.28 -2.86
N ASN B 92 -13.62 -6.33 -3.65
CA ASN B 92 -14.23 -7.60 -3.25
C ASN B 92 -13.34 -8.74 -3.67
N LYS B 93 -13.48 -9.89 -3.00
CA LYS B 93 -12.69 -11.06 -3.34
C LYS B 93 -13.49 -12.32 -3.11
N ILE B 94 -13.17 -13.35 -3.87
CA ILE B 94 -13.83 -14.65 -3.76
C ILE B 94 -12.86 -15.63 -3.10
N LYS B 96 -12.57 -19.65 -0.80
CA LYS B 96 -13.17 -20.96 -0.61
C LYS B 96 -12.98 -21.36 0.85
N PRO B 97 -13.91 -22.15 1.40
CA PRO B 97 -13.82 -22.58 2.78
C PRO B 97 -12.87 -23.74 2.96
N ALA B 98 -12.13 -23.74 4.07
CA ALA B 98 -11.22 -24.83 4.36
C ALA B 98 -12.15 -25.99 4.74
N ARG B 99 -11.66 -27.21 4.61
CA ARG B 99 -12.46 -28.38 4.93
C ARG B 99 -12.96 -28.33 6.38
N PHE B 100 -12.20 -27.65 7.22
CA PHE B 100 -12.55 -27.53 8.63
C PHE B 100 -13.23 -26.21 8.98
N SER B 101 -13.77 -25.55 7.97
CA SER B 101 -14.49 -24.30 8.16
C SER B 101 -15.96 -24.60 8.46
N PRO B 102 -16.57 -23.87 9.43
CA PRO B 102 -17.98 -24.13 9.75
C PRO B 102 -18.71 -23.79 8.46
N LEU B 103 -18.25 -22.70 7.87
CA LEU B 103 -18.76 -22.18 6.61
C LEU B 103 -18.20 -23.06 5.49
N PHE C 2 14.33 13.66 -20.03
CA PHE C 2 13.54 12.69 -19.29
C PHE C 2 14.32 12.31 -18.05
N TYR C 3 13.62 12.13 -16.93
CA TYR C 3 14.28 11.73 -15.70
C TYR C 3 13.73 10.41 -15.23
N GLU C 4 14.61 9.43 -15.06
CA GLU C 4 14.20 8.13 -14.59
C GLU C 4 14.56 8.00 -13.13
N ILE C 5 13.58 7.68 -12.29
CA ILE C 5 13.83 7.53 -10.87
C ILE C 5 13.61 6.09 -10.48
N ARG C 6 14.67 5.44 -10.01
CA ARG C 6 14.60 4.05 -9.60
C ARG C 6 14.70 3.99 -8.07
N THR C 7 13.78 3.25 -7.47
CA THR C 7 13.75 3.10 -6.03
C THR C 7 13.78 1.64 -5.64
N TYR C 8 14.78 1.25 -4.85
CA TYR C 8 14.88 -0.13 -4.41
C TYR C 8 14.75 -0.24 -2.90
N ARG C 9 14.26 -1.38 -2.45
CA ARG C 9 14.18 -1.67 -1.02
C ARG C 9 15.12 -2.86 -0.89
N LEU C 10 16.19 -2.68 -0.13
CA LEU C 10 17.18 -3.73 0.05
C LEU C 10 16.92 -4.61 1.25
N LYS C 11 17.65 -5.71 1.33
CA LYS C 11 17.54 -6.63 2.44
C LYS C 11 17.91 -5.77 3.65
N ASN C 12 17.21 -5.96 4.76
CA ASN C 12 17.51 -5.19 5.94
C ASN C 12 19.00 -5.26 6.31
N GLY C 13 19.66 -4.10 6.28
CA GLY C 13 21.06 -4.02 6.63
C GLY C 13 22.03 -4.13 5.48
N ALA C 14 21.51 -4.21 4.26
CA ALA C 14 22.36 -4.35 3.08
C ALA C 14 22.89 -3.08 2.41
N ILE C 15 22.45 -1.91 2.84
CA ILE C 15 22.90 -0.66 2.20
C ILE C 15 24.41 -0.48 2.13
N PRO C 16 25.12 -0.68 3.27
CA PRO C 16 26.58 -0.50 3.25
C PRO C 16 27.28 -1.37 2.21
N ALA C 17 26.90 -2.65 2.19
CA ALA C 17 27.47 -3.63 1.27
C ALA C 17 27.13 -3.26 -0.17
N TYR C 18 25.89 -2.91 -0.39
CA TYR C 18 25.40 -2.50 -1.70
C TYR C 18 26.15 -1.30 -2.26
N LEU C 19 26.24 -0.24 -1.45
CA LEU C 19 26.92 0.98 -1.86
C LEU C 19 28.41 0.76 -2.11
N LYS C 20 29.01 -0.17 -1.37
CA LYS C 20 30.44 -0.44 -1.55
C LYS C 20 30.75 -1.10 -2.89
N VAL C 21 30.01 -2.15 -3.22
CA VAL C 21 30.22 -2.88 -4.47
C VAL C 21 29.79 -2.06 -5.69
N VAL C 22 28.78 -1.22 -5.52
CA VAL C 22 28.32 -0.38 -6.62
C VAL C 22 29.42 0.63 -6.93
N GLU C 23 29.96 1.25 -5.89
CA GLU C 23 31.03 2.22 -6.03
C GLU C 23 32.27 1.56 -6.63
N ASP C 24 32.62 0.39 -6.10
CA ASP C 24 33.81 -0.32 -6.54
C ASP C 24 33.73 -1.01 -7.89
N GLU C 25 32.55 -1.50 -8.26
CA GLU C 25 32.43 -2.24 -9.51
C GLU C 25 31.28 -1.95 -10.47
N GLY C 26 30.28 -1.18 -10.08
CA GLY C 26 29.20 -0.98 -11.02
C GLY C 26 28.90 0.41 -11.54
N ILE C 27 29.02 1.41 -10.69
CA ILE C 27 28.70 2.78 -11.09
C ILE C 27 29.45 3.32 -12.31
N GLU C 28 30.76 3.06 -12.41
CA GLU C 28 31.50 3.57 -13.56
C GLU C 28 31.05 2.92 -14.85
N ILE C 29 30.85 1.60 -14.81
CA ILE C 29 30.41 0.86 -15.99
C ILE C 29 29.04 1.40 -16.40
N GLN C 30 28.18 1.60 -15.42
CA GLN C 30 26.83 2.09 -15.63
C GLN C 30 26.78 3.51 -16.18
N LYS C 31 27.65 4.37 -15.66
CA LYS C 31 27.70 5.76 -16.11
C LYS C 31 28.23 5.88 -17.54
N SER C 32 29.17 5.02 -17.93
CA SER C 32 29.73 5.08 -19.27
C SER C 32 28.69 4.70 -20.32
N HIS C 33 27.63 4.02 -19.90
CA HIS C 33 26.58 3.59 -20.80
C HIS C 33 25.36 4.48 -20.72
N LEU C 34 24.89 4.74 -19.50
CA LEU C 34 23.67 5.52 -19.28
C LEU C 34 23.76 7.02 -19.48
N GLY C 35 24.96 7.58 -19.36
CA GLY C 35 25.10 9.00 -19.58
C GLY C 35 25.21 9.93 -18.37
N GLU C 36 24.09 10.53 -17.96
CA GLU C 36 24.11 11.46 -16.85
C GLU C 36 23.42 10.99 -15.58
N LEU C 37 24.21 10.77 -14.53
CA LEU C 37 23.68 10.40 -13.23
C LEU C 37 23.33 11.72 -12.57
N VAL C 38 22.08 11.85 -12.13
CA VAL C 38 21.62 13.09 -11.49
C VAL C 38 21.85 13.07 -9.97
N GLY C 39 21.62 11.92 -9.36
CA GLY C 39 21.80 11.79 -7.92
C GLY C 39 21.62 10.33 -7.51
N TYR C 40 22.31 9.95 -6.45
CA TYR C 40 22.27 8.59 -5.92
C TYR C 40 22.19 8.72 -4.40
N PHE C 41 21.05 8.36 -3.82
CA PHE C 41 20.85 8.48 -2.39
C PHE C 41 20.43 7.20 -1.68
N PHE C 42 20.67 7.18 -0.37
CA PHE C 42 20.26 6.06 0.47
C PHE C 42 19.51 6.68 1.64
N SER C 43 18.55 5.93 2.19
CA SER C 43 17.71 6.43 3.26
C SER C 43 18.37 6.90 4.54
N GLU C 44 17.64 7.75 5.27
CA GLU C 44 18.07 8.32 6.54
C GLU C 44 16.84 8.46 7.41
N ILE C 45 15.82 9.15 6.88
CA ILE C 45 14.54 9.32 7.60
C ILE C 45 13.41 9.05 6.62
N GLY C 46 12.65 8.01 6.91
CA GLY C 46 11.54 7.62 6.07
C GLY C 46 11.67 6.13 5.81
N PRO C 47 11.47 5.66 4.56
CA PRO C 47 11.61 4.22 4.27
C PRO C 47 13.05 3.81 4.55
N ILE C 48 13.23 2.77 5.34
CA ILE C 48 14.56 2.28 5.69
C ILE C 48 15.03 1.22 4.69
N ASN C 49 16.35 1.13 4.49
CA ASN C 49 16.96 0.18 3.56
C ASN C 49 16.59 0.55 2.12
N GLU C 50 16.49 1.85 1.86
CA GLU C 50 16.12 2.30 0.53
C GLU C 50 17.21 3.00 -0.26
N ILE C 51 17.20 2.76 -1.56
CA ILE C 51 18.14 3.36 -2.50
C ILE C 51 17.31 4.07 -3.58
N VAL C 52 17.70 5.30 -3.88
CA VAL C 52 17.04 6.09 -4.90
C VAL C 52 18.11 6.75 -5.77
N HIS C 53 18.10 6.45 -7.06
CA HIS C 53 19.03 7.07 -7.99
C HIS C 53 18.27 7.60 -9.20
N ILE C 54 18.73 8.74 -9.72
CA ILE C 54 18.09 9.40 -10.84
C ILE C 54 19.01 9.58 -12.05
N TRP C 55 18.51 9.20 -13.22
CA TRP C 55 19.26 9.33 -14.47
C TRP C 55 18.47 10.15 -15.49
N ALA C 56 19.17 11.03 -16.21
CA ALA C 56 18.53 11.86 -17.24
C ALA C 56 18.78 11.33 -18.66
N PHE C 57 17.72 11.29 -19.47
CA PHE C 57 17.81 10.83 -20.86
C PHE C 57 17.20 11.86 -21.83
N SER C 58 17.88 12.06 -22.96
CA SER C 58 17.43 13.02 -23.95
C SER C 58 16.09 12.61 -24.52
N SER C 59 15.93 11.30 -24.75
CA SER C 59 14.68 10.73 -25.27
C SER C 59 14.55 9.33 -24.70
N LEU C 60 13.35 8.77 -24.77
CA LEU C 60 13.12 7.44 -24.23
C LEU C 60 13.66 6.34 -25.14
N ASP C 61 13.80 6.63 -26.43
CA ASP C 61 14.36 5.64 -27.34
C ASP C 61 15.85 5.62 -27.12
N ASP C 62 16.39 6.75 -26.68
CA ASP C 62 17.83 6.86 -26.41
C ASP C 62 18.08 6.07 -25.13
N ARG C 63 17.16 6.18 -24.18
CA ARG C 63 17.27 5.46 -22.93
C ARG C 63 17.28 3.97 -23.26
N ALA C 64 16.33 3.54 -24.09
CA ALA C 64 16.22 2.15 -24.48
C ALA C 64 17.55 1.66 -25.08
N GLU C 65 18.10 2.51 -25.93
CA GLU C 65 19.35 2.22 -26.64
C GLU C 65 20.51 2.05 -25.67
N ARG C 66 20.62 2.99 -24.75
CA ARG C 66 21.68 2.99 -23.75
C ARG C 66 21.58 1.83 -22.78
N ARG C 67 20.37 1.52 -22.35
CA ARG C 67 20.16 0.42 -21.41
C ARG C 67 20.40 -0.94 -22.07
N ALA C 68 20.20 -0.99 -23.38
CA ALA C 68 20.40 -2.21 -24.15
C ALA C 68 21.88 -2.52 -24.21
N ARG C 69 22.66 -1.46 -24.39
CA ARG C 69 24.12 -1.61 -24.45
C ARG C 69 24.69 -1.95 -23.08
N LEU C 70 24.11 -1.36 -22.03
CA LEU C 70 24.56 -1.64 -20.66
C LEU C 70 24.26 -3.10 -20.32
N ALA C 72 24.12 -5.49 -22.38
CA ALA C 72 24.95 -6.34 -23.22
C ALA C 72 26.40 -6.38 -22.74
N ASP C 73 26.78 -5.38 -21.95
CA ASP C 73 28.14 -5.31 -21.42
C ASP C 73 28.36 -6.50 -20.49
N PRO C 74 29.28 -7.41 -20.87
CA PRO C 74 29.59 -8.59 -20.05
C PRO C 74 30.14 -8.24 -18.66
N ARG C 75 30.68 -7.03 -18.53
CA ARG C 75 31.22 -6.55 -17.25
C ARG C 75 30.02 -6.19 -16.35
N TRP C 76 28.94 -5.77 -16.97
CA TRP C 76 27.73 -5.42 -16.24
C TRP C 76 27.08 -6.70 -15.76
N LEU C 77 27.09 -7.71 -16.62
CA LEU C 77 26.50 -9.00 -16.30
C LEU C 77 27.29 -9.70 -15.22
N SER C 78 28.59 -9.41 -15.13
CA SER C 78 29.45 -10.02 -14.12
C SER C 78 29.22 -9.33 -12.77
N PHE C 79 28.79 -8.09 -12.83
CA PHE C 79 28.54 -7.29 -11.64
C PHE C 79 27.16 -7.55 -11.01
N LEU C 80 26.13 -7.56 -11.84
CA LEU C 80 24.76 -7.76 -11.40
C LEU C 80 24.54 -8.76 -10.26
N PRO C 81 25.15 -9.95 -10.34
CA PRO C 81 24.96 -10.94 -9.28
C PRO C 81 25.39 -10.45 -7.89
N LYS C 82 26.17 -9.37 -7.84
CA LYS C 82 26.67 -8.84 -6.58
C LYS C 82 25.68 -7.96 -5.81
N ILE C 83 24.59 -7.58 -6.46
CA ILE C 83 23.57 -6.75 -5.83
C ILE C 83 22.18 -7.34 -6.10
N ARG C 84 22.13 -8.35 -6.97
CA ARG C 84 20.89 -9.01 -7.35
C ARG C 84 20.10 -9.58 -6.18
N ASP C 85 20.81 -10.03 -5.14
CA ASP C 85 20.17 -10.60 -3.97
C ASP C 85 20.11 -9.64 -2.80
N LEU C 86 20.66 -8.45 -2.98
CA LEU C 86 20.66 -7.41 -1.95
C LEU C 86 19.38 -6.57 -2.10
N ILE C 87 18.84 -6.54 -3.32
CA ILE C 87 17.63 -5.80 -3.64
C ILE C 87 16.42 -6.73 -3.51
N GLU C 88 15.45 -6.35 -2.68
CA GLU C 88 14.26 -7.17 -2.50
C GLU C 88 13.11 -6.74 -3.42
N VAL C 89 12.79 -5.45 -3.39
CA VAL C 89 11.71 -4.90 -4.21
C VAL C 89 12.20 -3.66 -4.96
N ALA C 90 11.75 -3.47 -6.19
CA ALA C 90 12.17 -2.33 -6.96
C ALA C 90 11.10 -1.81 -7.90
N GLU C 91 11.31 -0.61 -8.40
CA GLU C 91 10.39 0.02 -9.34
C GLU C 91 11.06 1.27 -9.87
N ASN C 92 10.64 1.69 -11.05
CA ASN C 92 11.20 2.88 -11.66
C ASN C 92 10.11 3.73 -12.31
N LYS C 93 10.37 5.01 -12.48
CA LYS C 93 9.39 5.86 -13.12
C LYS C 93 10.07 6.94 -13.91
N ILE C 94 9.39 7.40 -14.98
CA ILE C 94 9.89 8.47 -15.83
C ILE C 94 9.12 9.74 -15.51
N LYS C 96 9.20 14.37 -15.93
CA LYS C 96 9.69 15.49 -16.71
C LYS C 96 9.97 16.64 -15.78
N PRO C 97 10.98 17.47 -16.13
CA PRO C 97 11.34 18.63 -15.30
C PRO C 97 10.36 19.77 -15.47
N ALA C 98 10.09 20.50 -14.39
CA ALA C 98 9.22 21.65 -14.46
C ALA C 98 10.08 22.71 -15.15
N ARG C 99 9.45 23.71 -15.74
CA ARG C 99 10.19 24.78 -16.41
C ARG C 99 11.18 25.47 -15.48
N PHE C 100 10.84 25.49 -14.20
CA PHE C 100 11.68 26.13 -13.19
C PHE C 100 12.58 25.15 -12.44
N SER C 101 12.81 23.99 -13.02
CA SER C 101 13.67 22.97 -12.42
C SER C 101 15.11 23.22 -12.90
N PRO C 102 16.10 23.08 -11.98
CA PRO C 102 17.49 23.31 -12.38
C PRO C 102 17.73 22.24 -13.43
N LEU C 103 17.23 21.05 -13.11
CA LEU C 103 17.30 19.87 -13.96
C LEU C 103 16.30 20.03 -15.09
N PHE D 2 22.23 16.87 3.16
CA PHE D 2 20.98 16.15 3.34
C PHE D 2 20.07 16.46 2.16
N TYR D 3 19.36 15.44 1.70
CA TYR D 3 18.45 15.63 0.59
C TYR D 3 17.03 15.28 1.01
N GLU D 4 16.14 16.24 0.85
CA GLU D 4 14.75 16.04 1.19
C GLU D 4 13.98 15.82 -0.09
N ILE D 5 13.25 14.70 -0.15
CA ILE D 5 12.45 14.38 -1.33
C ILE D 5 10.97 14.44 -0.94
N ARG D 6 10.24 15.37 -1.56
CA ARG D 6 8.82 15.52 -1.29
C ARG D 6 8.03 15.02 -2.49
N THR D 7 7.06 14.14 -2.23
CA THR D 7 6.23 13.58 -3.27
C THR D 7 4.76 13.85 -3.01
N TYR D 8 4.09 14.49 -3.96
CA TYR D 8 2.67 14.77 -3.81
C TYR D 8 1.83 14.11 -4.88
N ARG D 9 0.61 13.76 -4.52
CA ARG D 9 -0.33 13.21 -5.48
C ARG D 9 -1.39 14.29 -5.52
N LEU D 10 -1.57 14.89 -6.70
CA LEU D 10 -2.52 15.97 -6.87
C LEU D 10 -3.86 15.46 -7.34
N LYS D 11 -4.84 16.36 -7.30
CA LYS D 11 -6.19 16.06 -7.76
C LYS D 11 -5.99 15.70 -9.23
N ASN D 12 -6.73 14.70 -9.71
CA ASN D 12 -6.61 14.28 -11.10
C ASN D 12 -6.77 15.45 -12.07
N GLY D 13 -5.71 15.73 -12.82
CA GLY D 13 -5.74 16.80 -13.80
C GLY D 13 -5.22 18.15 -13.31
N ALA D 14 -4.75 18.20 -12.07
CA ALA D 14 -4.26 19.45 -11.50
C ALA D 14 -2.79 19.83 -11.73
N ILE D 15 -1.98 18.95 -12.32
CA ILE D 15 -0.57 19.30 -12.53
C ILE D 15 -0.31 20.61 -13.31
N PRO D 16 -1.01 20.82 -14.44
CA PRO D 16 -0.78 22.07 -15.19
C PRO D 16 -1.01 23.32 -14.36
N ALA D 17 -2.15 23.37 -13.67
CA ALA D 17 -2.52 24.49 -12.82
C ALA D 17 -1.52 24.66 -11.69
N TYR D 18 -1.16 23.54 -11.07
CA TYR D 18 -0.21 23.50 -9.97
C TYR D 18 1.14 24.09 -10.38
N LEU D 19 1.69 23.58 -11.47
CA LEU D 19 2.97 24.03 -11.98
C LEU D 19 2.97 25.50 -12.39
N LYS D 20 1.83 25.99 -12.86
CA LYS D 20 1.77 27.37 -13.29
C LYS D 20 1.83 28.34 -12.12
N VAL D 21 1.01 28.11 -11.11
CA VAL D 21 1.00 28.98 -9.93
C VAL D 21 2.29 28.86 -9.11
N VAL D 22 2.91 27.70 -9.11
CA VAL D 22 4.16 27.51 -8.38
C VAL D 22 5.22 28.34 -9.09
N GLU D 23 5.29 28.18 -10.41
CA GLU D 23 6.24 28.93 -11.20
C GLU D 23 6.03 30.43 -11.06
N ASP D 24 4.77 30.85 -11.15
CA ASP D 24 4.42 32.26 -11.06
C ASP D 24 4.46 32.90 -9.68
N GLU D 25 4.17 32.15 -8.63
CA GLU D 25 4.12 32.75 -7.31
C GLU D 25 4.79 32.06 -6.13
N GLY D 26 5.24 30.83 -6.29
CA GLY D 26 5.79 30.16 -5.14
C GLY D 26 7.23 29.76 -5.12
N ILE D 27 7.71 29.25 -6.25
CA ILE D 27 9.09 28.78 -6.32
C ILE D 27 10.18 29.78 -5.94
N GLU D 28 10.06 31.04 -6.37
CA GLU D 28 11.08 32.02 -6.02
C GLU D 28 11.10 32.30 -4.53
N ILE D 29 9.91 32.48 -3.96
CA ILE D 29 9.81 32.74 -2.53
C ILE D 29 10.43 31.58 -1.77
N GLN D 30 10.07 30.38 -2.20
CA GLN D 30 10.55 29.14 -1.59
C GLN D 30 12.05 28.98 -1.71
N LYS D 31 12.61 29.29 -2.89
CA LYS D 31 14.06 29.13 -3.10
C LYS D 31 14.87 30.14 -2.28
N SER D 32 14.33 31.33 -2.07
CA SER D 32 15.03 32.36 -1.31
C SER D 32 15.16 31.97 0.16
N HIS D 33 14.33 31.03 0.61
CA HIS D 33 14.34 30.56 1.99
C HIS D 33 15.04 29.23 2.16
N LEU D 34 14.63 28.26 1.34
CA LEU D 34 15.17 26.89 1.42
C LEU D 34 16.59 26.67 0.91
N GLY D 35 17.05 27.54 0.02
CA GLY D 35 18.41 27.38 -0.45
C GLY D 35 18.64 26.75 -1.82
N GLU D 36 18.93 25.46 -1.84
CA GLU D 36 19.21 24.76 -3.09
C GLU D 36 18.16 23.76 -3.59
N LEU D 37 17.50 24.11 -4.68
CA LEU D 37 16.53 23.22 -5.29
C LEU D 37 17.36 22.28 -6.17
N VAL D 38 17.20 20.98 -5.98
CA VAL D 38 17.96 20.02 -6.76
C VAL D 38 17.22 19.61 -8.03
N GLY D 39 15.91 19.44 -7.92
CA GLY D 39 15.12 19.05 -9.06
C GLY D 39 13.65 19.13 -8.73
N TYR D 40 12.84 19.41 -9.76
CA TYR D 40 11.40 19.55 -9.62
C TYR D 40 10.77 18.84 -10.83
N PHE D 41 10.11 17.71 -10.59
CA PHE D 41 9.53 16.91 -11.66
C PHE D 41 8.05 16.59 -11.51
N PHE D 42 7.39 16.29 -12.63
CA PHE D 42 6.00 15.89 -12.64
C PHE D 42 5.95 14.60 -13.43
N SER D 43 4.99 13.75 -13.13
CA SER D 43 4.88 12.43 -13.76
C SER D 43 4.71 12.38 -15.28
N GLU D 44 5.08 11.22 -15.83
CA GLU D 44 4.99 10.93 -17.25
C GLU D 44 4.61 9.46 -17.38
N ILE D 45 5.45 8.58 -16.83
CA ILE D 45 5.20 7.14 -16.82
C ILE D 45 5.38 6.62 -15.39
N GLY D 46 4.28 6.11 -14.83
CA GLY D 46 4.28 5.59 -13.48
C GLY D 46 3.12 6.23 -12.74
N PRO D 47 3.31 6.65 -11.47
CA PRO D 47 2.20 7.28 -10.74
C PRO D 47 1.76 8.54 -11.49
N ILE D 48 0.46 8.65 -11.77
CA ILE D 48 -0.07 9.80 -12.47
C ILE D 48 -0.51 10.89 -11.49
N ASN D 49 -0.41 12.15 -11.92
CA ASN D 49 -0.77 13.32 -11.11
C ASN D 49 0.23 13.47 -9.97
N GLU D 50 1.48 13.16 -10.24
CA GLU D 50 2.49 13.24 -9.19
C GLU D 50 3.53 14.32 -9.38
N ILE D 51 3.94 14.89 -8.25
CA ILE D 51 4.95 15.93 -8.22
C ILE D 51 6.05 15.45 -7.28
N VAL D 52 7.30 15.57 -7.74
CA VAL D 52 8.47 15.20 -6.94
C VAL D 52 9.51 16.32 -7.03
N HIS D 53 9.85 16.91 -5.89
CA HIS D 53 10.90 17.93 -5.84
C HIS D 53 11.91 17.61 -4.75
N ILE D 54 13.17 17.92 -5.04
CA ILE D 54 14.27 17.63 -4.13
C ILE D 54 15.05 18.86 -3.69
N TRP D 55 15.25 18.98 -2.38
CA TRP D 55 15.97 20.10 -1.79
C TRP D 55 17.16 19.60 -0.95
N ALA D 56 18.30 20.29 -1.05
CA ALA D 56 19.51 19.93 -0.31
C ALA D 56 19.77 20.85 0.88
N PHE D 57 20.06 20.26 2.05
CA PHE D 57 20.32 21.02 3.26
C PHE D 57 21.65 20.61 3.90
N SER D 58 22.40 21.59 4.38
CA SER D 58 23.69 21.31 5.00
C SER D 58 23.51 20.49 6.25
N SER D 59 22.50 20.80 7.04
CA SER D 59 22.20 20.04 8.25
C SER D 59 20.69 20.07 8.45
N LEU D 60 20.18 19.18 9.28
CA LEU D 60 18.74 19.12 9.52
C LEU D 60 18.22 20.26 10.40
N ASP D 61 19.10 20.83 11.22
CA ASP D 61 18.70 21.94 12.07
C ASP D 61 18.65 23.19 11.21
N ASP D 62 19.46 23.19 10.16
CA ASP D 62 19.49 24.30 9.21
C ASP D 62 18.19 24.21 8.40
N ARG D 63 17.80 22.98 8.08
CA ARG D 63 16.54 22.75 7.34
C ARG D 63 15.39 23.28 8.17
N ALA D 64 15.37 22.92 9.45
CA ALA D 64 14.33 23.35 10.37
C ALA D 64 14.27 24.85 10.41
N GLU D 65 15.44 25.48 10.46
CA GLU D 65 15.57 26.93 10.52
C GLU D 65 15.01 27.60 9.29
N ARG D 66 15.41 27.11 8.13
CA ARG D 66 14.98 27.62 6.84
C ARG D 66 13.47 27.46 6.61
N ARG D 67 12.96 26.29 6.95
CA ARG D 67 11.54 26.01 6.77
C ARG D 67 10.67 26.83 7.73
N ALA D 68 11.24 27.21 8.87
CA ALA D 68 10.56 28.01 9.88
C ALA D 68 10.38 29.42 9.35
N ARG D 69 11.42 29.92 8.69
CA ARG D 69 11.40 31.25 8.12
C ARG D 69 10.47 31.29 6.92
N LEU D 70 10.45 30.21 6.14
CA LEU D 70 9.58 30.10 4.96
C LEU D 70 8.12 30.12 5.40
N ALA D 72 6.99 31.43 8.04
CA ALA D 72 6.70 32.73 8.66
C ALA D 72 6.45 33.80 7.60
N ASP D 73 7.02 33.60 6.41
CA ASP D 73 6.89 34.55 5.33
C ASP D 73 5.42 34.69 4.95
N PRO D 74 4.83 35.88 5.19
CA PRO D 74 3.43 36.14 4.85
C PRO D 74 3.11 35.99 3.36
N ARG D 75 4.14 36.08 2.52
CA ARG D 75 3.96 35.93 1.07
C ARG D 75 3.79 34.44 0.78
N TRP D 76 4.40 33.61 1.62
CA TRP D 76 4.31 32.16 1.47
C TRP D 76 2.92 31.73 1.91
N LEU D 77 2.47 32.35 3.00
CA LEU D 77 1.15 32.07 3.55
C LEU D 77 0.03 32.51 2.59
N SER D 78 0.29 33.56 1.82
CA SER D 78 -0.68 34.04 0.85
C SER D 78 -0.73 33.13 -0.36
N PHE D 79 0.37 32.44 -0.62
CA PHE D 79 0.49 31.54 -1.76
C PHE D 79 -0.10 30.16 -1.50
N LEU D 80 0.24 29.59 -0.34
CA LEU D 80 -0.20 28.27 0.03
C LEU D 80 -1.63 27.88 -0.36
N PRO D 81 -2.62 28.76 -0.11
CA PRO D 81 -4.01 28.44 -0.46
C PRO D 81 -4.22 28.13 -1.93
N LYS D 82 -3.26 28.53 -2.76
CA LYS D 82 -3.36 28.31 -4.19
C LYS D 82 -3.00 26.90 -4.66
N ILE D 83 -2.38 26.10 -3.79
CA ILE D 83 -2.04 24.71 -4.12
C ILE D 83 -2.50 23.75 -3.03
N ARG D 84 -2.97 24.32 -1.92
CA ARG D 84 -3.42 23.54 -0.78
C ARG D 84 -4.52 22.52 -1.11
N ASP D 85 -5.38 22.87 -2.05
CA ASP D 85 -6.47 21.99 -2.42
C ASP D 85 -6.18 21.21 -3.71
N LEU D 86 -5.03 21.47 -4.30
CA LEU D 86 -4.63 20.76 -5.53
C LEU D 86 -3.88 19.51 -5.15
N ILE D 87 -3.32 19.50 -3.94
CA ILE D 87 -2.56 18.37 -3.40
C ILE D 87 -3.46 17.50 -2.56
N GLU D 88 -3.58 16.22 -2.89
CA GLU D 88 -4.44 15.32 -2.13
C GLU D 88 -3.69 14.55 -1.04
N VAL D 89 -2.58 13.92 -1.42
CA VAL D 89 -1.76 13.16 -0.49
C VAL D 89 -0.29 13.58 -0.64
N ALA D 90 0.44 13.63 0.46
CA ALA D 90 1.84 14.02 0.41
C ALA D 90 2.71 13.33 1.47
N GLU D 91 4.01 13.36 1.25
CA GLU D 91 4.96 12.75 2.17
C GLU D 91 6.33 13.23 1.77
N ASN D 92 7.26 13.22 2.71
CA ASN D 92 8.63 13.66 2.44
C ASN D 92 9.61 12.76 3.15
N LYS D 93 10.84 12.68 2.64
CA LYS D 93 11.86 11.84 3.26
C LYS D 93 13.22 12.49 3.13
N ILE D 94 14.10 12.17 4.08
CA ILE D 94 15.46 12.69 4.08
C ILE D 94 16.40 11.56 3.71
N LYS D 96 20.65 10.57 2.12
CA LYS D 96 22.02 11.02 2.03
C LYS D 96 22.61 10.58 0.70
N PRO D 97 23.56 11.35 0.17
CA PRO D 97 24.18 11.02 -1.12
C PRO D 97 25.23 9.95 -0.99
N ALA D 98 25.30 9.08 -2.00
CA ALA D 98 26.31 8.04 -2.03
C ALA D 98 27.62 8.77 -2.32
N ARG D 99 28.74 8.20 -1.93
CA ARG D 99 30.03 8.83 -2.16
C ARG D 99 30.23 9.14 -3.65
N PHE D 100 29.58 8.35 -4.49
CA PHE D 100 29.71 8.50 -5.94
C PHE D 100 28.56 9.26 -6.56
N SER D 101 27.86 10.02 -5.73
CA SER D 101 26.73 10.81 -6.21
C SER D 101 27.23 12.18 -6.63
N PRO D 102 26.72 12.69 -7.76
CA PRO D 102 27.18 14.02 -8.20
C PRO D 102 26.75 14.95 -7.07
N LEU D 103 25.53 14.69 -6.60
CA LEU D 103 24.89 15.40 -5.52
C LEU D 103 25.51 14.93 -4.22
N PHE E 2 5.67 -2.16 -27.46
CA PHE E 2 5.55 -1.70 -26.08
C PHE E 2 4.09 -1.70 -25.70
N TYR E 3 3.80 -2.09 -24.48
CA TYR E 3 2.44 -2.12 -24.00
C TYR E 3 2.30 -1.21 -22.81
N GLU E 4 1.38 -0.25 -22.92
CA GLU E 4 1.14 0.67 -21.83
C GLU E 4 -0.15 0.26 -21.14
N ILE E 5 -0.07 0.06 -19.83
CA ILE E 5 -1.24 -0.31 -19.05
C ILE E 5 -1.59 0.82 -18.09
N ARG E 6 -2.77 1.39 -18.29
CA ARG E 6 -3.27 2.47 -17.45
C ARG E 6 -4.37 1.95 -16.53
N THR E 7 -4.26 2.24 -15.24
CA THR E 7 -5.24 1.78 -14.26
C THR E 7 -5.77 2.95 -13.47
N TYR E 8 -7.08 3.15 -13.50
CA TYR E 8 -7.68 4.24 -12.75
C TYR E 8 -8.65 3.73 -11.71
N ARG E 9 -8.78 4.50 -10.63
CA ARG E 9 -9.75 4.18 -9.59
C ARG E 9 -10.70 5.36 -9.67
N LEU E 10 -11.94 5.09 -10.01
CA LEU E 10 -12.93 6.13 -10.16
C LEU E 10 -13.69 6.41 -8.88
N LYS E 11 -14.46 7.50 -8.90
CA LYS E 11 -15.30 7.86 -7.77
C LYS E 11 -16.27 6.67 -7.64
N ASN E 12 -16.58 6.28 -6.40
CA ASN E 12 -17.47 5.16 -6.18
C ASN E 12 -18.79 5.30 -6.94
N GLY E 13 -19.02 4.38 -7.87
CA GLY E 13 -20.24 4.39 -8.65
C GLY E 13 -20.15 5.13 -9.98
N ALA E 14 -18.96 5.59 -10.35
CA ALA E 14 -18.80 6.34 -11.59
C ALA E 14 -18.51 5.55 -12.86
N ILE E 15 -18.26 4.24 -12.75
CA ILE E 15 -17.96 3.46 -13.94
C ILE E 15 -18.97 3.55 -15.10
N PRO E 16 -20.28 3.41 -14.81
CA PRO E 16 -21.28 3.49 -15.89
C PRO E 16 -21.22 4.83 -16.65
N ALA E 17 -21.17 5.93 -15.90
CA ALA E 17 -21.09 7.27 -16.46
C ALA E 17 -19.81 7.44 -17.28
N TYR E 18 -18.72 6.99 -16.70
CA TYR E 18 -17.40 7.06 -17.32
C TYR E 18 -17.38 6.33 -18.67
N LEU E 19 -17.80 5.06 -18.65
CA LEU E 19 -17.81 4.26 -19.85
C LEU E 19 -18.73 4.82 -20.94
N LYS E 20 -19.82 5.46 -20.53
CA LYS E 20 -20.74 6.02 -21.50
C LYS E 20 -20.15 7.19 -22.26
N VAL E 21 -19.57 8.15 -21.53
CA VAL E 21 -18.98 9.33 -22.16
C VAL E 21 -17.72 9.01 -22.94
N VAL E 22 -16.99 8.00 -22.49
CA VAL E 22 -15.77 7.60 -23.19
C VAL E 22 -16.19 6.99 -24.52
N GLU E 23 -17.17 6.09 -24.47
CA GLU E 23 -17.68 5.45 -25.68
C GLU E 23 -18.27 6.49 -26.63
N ASP E 24 -19.07 7.40 -26.09
CA ASP E 24 -19.71 8.43 -26.89
C ASP E 24 -18.84 9.57 -27.38
N GLU E 25 -17.84 9.96 -26.59
CA GLU E 25 -17.03 11.10 -26.97
C GLU E 25 -15.52 11.05 -26.91
N GLY E 26 -14.94 10.01 -26.33
CA GLY E 26 -13.50 10.00 -26.23
C GLY E 26 -12.70 8.92 -26.91
N ILE E 27 -13.19 7.69 -26.87
CA ILE E 27 -12.46 6.58 -27.44
C ILE E 27 -12.07 6.70 -28.91
N GLU E 28 -12.97 7.20 -29.77
CA GLU E 28 -12.64 7.32 -31.18
C GLU E 28 -11.53 8.34 -31.42
N ILE E 29 -11.65 9.48 -30.75
CA ILE E 29 -10.64 10.53 -30.87
C ILE E 29 -9.29 9.97 -30.42
N GLN E 30 -9.33 9.25 -29.30
CA GLN E 30 -8.15 8.66 -28.69
C GLN E 30 -7.52 7.58 -29.57
N LYS E 31 -8.35 6.76 -30.19
CA LYS E 31 -7.83 5.70 -31.04
C LYS E 31 -7.21 6.24 -32.32
N SER E 32 -7.78 7.33 -32.85
CA SER E 32 -7.25 7.92 -34.08
C SER E 32 -5.86 8.50 -33.87
N HIS E 33 -5.50 8.76 -32.61
CA HIS E 33 -4.19 9.32 -32.28
C HIS E 33 -3.21 8.27 -31.76
N LEU E 34 -3.64 7.51 -30.76
CA LEU E 34 -2.80 6.50 -30.12
C LEU E 34 -2.49 5.24 -30.93
N GLY E 35 -3.36 4.88 -31.87
CA GLY E 35 -3.08 3.71 -32.68
C GLY E 35 -3.83 2.42 -32.37
N GLU E 36 -3.20 1.52 -31.62
CA GLU E 36 -3.83 0.24 -31.31
C GLU E 36 -4.30 0.02 -29.86
N LEU E 37 -5.61 -0.05 -29.67
CA LEU E 37 -6.17 -0.31 -28.35
C LEU E 37 -6.15 -1.83 -28.22
N VAL E 38 -5.53 -2.33 -27.15
CA VAL E 38 -5.44 -3.76 -26.94
C VAL E 38 -6.63 -4.31 -26.15
N GLY E 39 -7.07 -3.56 -25.16
CA GLY E 39 -8.21 -3.98 -24.35
C GLY E 39 -8.62 -2.86 -23.43
N TYR E 40 -9.90 -2.83 -23.08
CA TYR E 40 -10.44 -1.81 -22.18
C TYR E 40 -11.41 -2.54 -21.25
N PHE E 41 -11.06 -2.64 -19.97
CA PHE E 41 -11.86 -3.35 -19.00
C PHE E 41 -12.24 -2.54 -17.77
N PHE E 42 -13.29 -3.00 -17.10
CA PHE E 42 -13.78 -2.39 -15.87
C PHE E 42 -13.94 -3.53 -14.88
N SER E 43 -13.77 -3.23 -13.59
CA SER E 43 -13.83 -4.24 -12.56
C SER E 43 -15.11 -5.06 -12.40
N GLU E 44 -14.94 -6.25 -11.80
CA GLU E 44 -16.03 -7.18 -11.53
C GLU E 44 -15.71 -7.85 -10.20
N ILE E 45 -14.52 -8.45 -10.11
CA ILE E 45 -14.07 -9.10 -8.88
C ILE E 45 -12.65 -8.66 -8.59
N GLY E 46 -12.48 -7.95 -7.49
CA GLY E 46 -11.17 -7.44 -7.11
C GLY E 46 -11.32 -5.97 -6.78
N PRO E 47 -10.41 -5.11 -7.23
CA PRO E 47 -10.54 -3.68 -6.95
C PRO E 47 -11.84 -3.18 -7.59
N ILE E 48 -12.67 -2.49 -6.81
CA ILE E 48 -13.93 -1.98 -7.29
C ILE E 48 -13.76 -0.56 -7.79
N ASN E 49 -14.56 -0.18 -8.80
CA ASN E 49 -14.51 1.15 -9.39
C ASN E 49 -13.23 1.33 -10.17
N GLU E 50 -12.74 0.24 -10.75
CA GLU E 50 -11.50 0.30 -11.51
C GLU E 50 -11.62 0.16 -13.01
N ILE E 51 -10.78 0.92 -13.70
CA ILE E 51 -10.72 0.90 -15.16
C ILE E 51 -9.29 0.51 -15.54
N VAL E 52 -9.17 -0.39 -16.50
CA VAL E 52 -7.86 -0.82 -16.99
C VAL E 52 -7.91 -0.91 -18.51
N HIS E 53 -7.10 -0.10 -19.18
CA HIS E 53 -7.01 -0.15 -20.65
C HIS E 53 -5.55 -0.28 -21.08
N ILE E 54 -5.34 -1.02 -22.17
CA ILE E 54 -4.00 -1.29 -22.67
C ILE E 54 -3.79 -0.83 -24.12
N TRP E 55 -2.71 -0.10 -24.35
CA TRP E 55 -2.36 0.39 -25.66
C TRP E 55 -0.95 -0.10 -26.07
N ALA E 56 -0.81 -0.45 -27.35
CA ALA E 56 0.47 -0.93 -27.88
C ALA E 56 1.16 0.15 -28.72
N PHE E 57 2.47 0.31 -28.52
CA PHE E 57 3.27 1.30 -29.24
C PHE E 57 4.53 0.69 -29.82
N SER E 58 4.84 1.03 -31.06
CA SER E 58 6.02 0.49 -31.73
C SER E 58 7.29 0.87 -31.00
N SER E 59 7.35 2.12 -30.50
CA SER E 59 8.51 2.61 -29.76
C SER E 59 8.00 3.63 -28.76
N LEU E 60 8.81 3.96 -27.76
CA LEU E 60 8.38 4.92 -26.75
C LEU E 60 8.44 6.37 -27.21
N ASP E 61 9.23 6.64 -28.23
CA ASP E 61 9.30 7.99 -28.79
C ASP E 61 8.07 8.17 -29.67
N ASP E 62 7.57 7.05 -30.22
CA ASP E 62 6.38 7.07 -31.07
C ASP E 62 5.20 7.34 -30.14
N ARG E 63 5.24 6.73 -28.96
CA ARG E 63 4.19 6.91 -27.97
C ARG E 63 4.15 8.37 -27.56
N ALA E 64 5.32 8.94 -27.29
CA ALA E 64 5.44 10.34 -26.89
C ALA E 64 4.85 11.23 -27.97
N GLU E 65 5.18 10.91 -29.21
CA GLU E 65 4.72 11.65 -30.38
C GLU E 65 3.21 11.61 -30.53
N ARG E 66 2.65 10.41 -30.39
CA ARG E 66 1.21 10.19 -30.51
C ARG E 66 0.42 10.85 -29.40
N ARG E 67 0.92 10.75 -28.17
CA ARG E 67 0.24 11.32 -27.02
C ARG E 67 0.31 12.85 -27.04
N ALA E 68 1.37 13.38 -27.66
CA ALA E 68 1.54 14.83 -27.79
C ALA E 68 0.47 15.38 -28.74
N ARG E 69 0.20 14.62 -29.80
CA ARG E 69 -0.79 15.01 -30.78
C ARG E 69 -2.19 14.91 -30.17
N LEU E 70 -2.41 13.86 -29.38
CA LEU E 70 -3.71 13.65 -28.74
C LEU E 70 -3.97 14.79 -27.76
N ALA E 72 -2.86 17.72 -27.98
CA ALA E 72 -3.02 18.97 -28.73
C ALA E 72 -4.39 19.07 -29.38
N ASP E 73 -5.03 17.92 -29.57
CA ASP E 73 -6.34 17.89 -30.19
C ASP E 73 -7.34 18.62 -29.31
N PRO E 74 -7.87 19.75 -29.81
CA PRO E 74 -8.84 20.54 -29.05
C PRO E 74 -10.15 19.78 -28.74
N ARG E 75 -10.40 18.71 -29.48
CA ARG E 75 -11.58 17.87 -29.26
C ARG E 75 -11.31 16.99 -28.04
N TRP E 76 -10.04 16.67 -27.83
CA TRP E 76 -9.62 15.85 -26.71
C TRP E 76 -9.70 16.70 -25.47
N LEU E 77 -9.30 17.96 -25.62
CA LEU E 77 -9.31 18.91 -24.53
C LEU E 77 -10.73 19.25 -24.10
N SER E 78 -11.66 19.16 -25.04
CA SER E 78 -13.06 19.46 -24.76
C SER E 78 -13.70 18.27 -24.06
N PHE E 79 -13.14 17.10 -24.27
CA PHE E 79 -13.65 15.87 -23.68
C PHE E 79 -13.13 15.62 -22.28
N LEU E 80 -11.83 15.79 -22.09
CA LEU E 80 -11.20 15.54 -20.80
C LEU E 80 -11.99 15.94 -19.56
N PRO E 81 -12.56 17.16 -19.52
CA PRO E 81 -13.32 17.62 -18.35
C PRO E 81 -14.49 16.70 -17.99
N LYS E 82 -14.89 15.83 -18.91
CA LYS E 82 -16.01 14.92 -18.70
C LYS E 82 -15.67 13.67 -17.91
N ILE E 83 -14.38 13.40 -17.72
CA ILE E 83 -13.95 12.24 -16.94
C ILE E 83 -12.87 12.65 -15.93
N ARG E 84 -12.42 13.89 -16.03
CA ARG E 84 -11.40 14.43 -15.15
C ARG E 84 -11.73 14.33 -13.67
N ASP E 85 -13.00 14.49 -13.33
CA ASP E 85 -13.40 14.42 -11.93
C ASP E 85 -14.03 13.07 -11.57
N LEU E 86 -14.11 12.17 -12.56
CA LEU E 86 -14.65 10.84 -12.32
C LEU E 86 -13.53 9.91 -11.88
N ILE E 87 -12.30 10.26 -12.26
CA ILE E 87 -11.10 9.52 -11.92
C ILE E 87 -10.48 10.10 -10.64
N GLU E 88 -10.28 9.26 -9.62
CA GLU E 88 -9.68 9.75 -8.38
C GLU E 88 -8.17 9.53 -8.34
N VAL E 89 -7.74 8.31 -8.60
CA VAL E 89 -6.32 7.95 -8.59
C VAL E 89 -5.97 7.21 -9.87
N ALA E 90 -4.78 7.45 -10.42
CA ALA E 90 -4.36 6.78 -11.64
C ALA E 90 -2.86 6.50 -11.68
N GLU E 91 -2.47 5.63 -12.60
CA GLU E 91 -1.07 5.29 -12.78
C GLU E 91 -0.98 4.48 -14.05
N ASN E 92 0.20 4.49 -14.67
CA ASN E 92 0.39 3.74 -15.90
C ASN E 92 1.76 3.09 -15.89
N LYS E 93 1.92 2.04 -16.68
CA LYS E 93 3.19 1.35 -16.75
C LYS E 93 3.42 0.82 -18.16
N ILE E 94 4.69 0.68 -18.52
CA ILE E 94 5.09 0.13 -19.81
C ILE E 94 5.64 -1.27 -19.63
N LYS E 96 6.61 -5.27 -21.73
CA LYS E 96 6.99 -5.90 -22.98
C LYS E 96 6.34 -7.25 -23.06
N PRO E 97 6.01 -7.70 -24.28
CA PRO E 97 5.37 -9.02 -24.47
C PRO E 97 6.37 -10.17 -24.37
N ALA E 98 5.94 -11.27 -23.78
CA ALA E 98 6.76 -12.46 -23.70
C ALA E 98 6.82 -13.00 -25.13
N ARG E 99 7.84 -13.79 -25.43
CA ARG E 99 7.97 -14.34 -26.78
C ARG E 99 6.75 -15.17 -27.16
N PHE E 100 6.10 -15.72 -26.14
CA PHE E 100 4.93 -16.55 -26.36
C PHE E 100 3.61 -15.79 -26.14
N SER E 101 3.67 -14.48 -26.20
CA SER E 101 2.48 -13.66 -26.02
C SER E 101 1.81 -13.47 -27.38
N PRO E 102 0.46 -13.56 -27.44
CA PRO E 102 -0.22 -13.37 -28.71
C PRO E 102 0.15 -11.94 -29.11
N LEU E 103 0.08 -11.09 -28.09
CA LEU E 103 0.40 -9.67 -28.20
C LEU E 103 1.93 -9.55 -28.26
N PHE F 2 -15.30 -12.88 -19.81
CA PHE F 2 -14.64 -12.51 -18.56
C PHE F 2 -13.16 -12.48 -18.81
N TYR F 3 -12.49 -11.50 -18.21
CA TYR F 3 -11.05 -11.40 -18.34
C TYR F 3 -10.38 -11.50 -16.99
N GLU F 4 -9.48 -12.47 -16.87
CA GLU F 4 -8.76 -12.65 -15.62
C GLU F 4 -7.37 -12.07 -15.79
N ILE F 5 -6.97 -11.19 -14.88
CA ILE F 5 -5.68 -10.55 -14.94
C ILE F 5 -4.87 -11.01 -13.73
N ARG F 6 -3.77 -11.70 -13.99
CA ARG F 6 -2.93 -12.19 -12.91
C ARG F 6 -1.62 -11.39 -12.90
N THR F 7 -1.26 -10.88 -11.73
CA THR F 7 -0.06 -10.07 -11.58
C THR F 7 0.87 -10.68 -10.53
N TYR F 8 2.09 -11.00 -10.92
CA TYR F 8 3.05 -11.56 -9.97
C TYR F 8 4.26 -10.68 -9.81
N ARG F 9 4.86 -10.72 -8.62
CA ARG F 9 6.09 -9.99 -8.37
C ARG F 9 7.06 -11.13 -8.08
N LEU F 10 8.05 -11.26 -8.95
CA LEU F 10 9.05 -12.33 -8.83
C LEU F 10 10.24 -11.92 -8.00
N LYS F 11 11.06 -12.91 -7.67
CA LYS F 11 12.28 -12.68 -6.91
C LYS F 11 13.09 -11.75 -7.80
N ASN F 12 13.78 -10.79 -7.21
CA ASN F 12 14.57 -9.84 -7.97
C ASN F 12 15.55 -10.53 -8.93
N GLY F 13 15.35 -10.30 -10.22
CA GLY F 13 16.19 -10.89 -11.25
C GLY F 13 15.69 -12.20 -11.81
N ALA F 14 14.52 -12.65 -11.40
CA ALA F 14 13.99 -13.94 -11.88
C ALA F 14 13.19 -13.96 -13.18
N ILE F 15 12.87 -12.79 -13.73
CA ILE F 15 12.07 -12.75 -14.97
C ILE F 15 12.62 -13.57 -16.13
N PRO F 16 13.92 -13.44 -16.44
CA PRO F 16 14.47 -14.21 -17.56
C PRO F 16 14.28 -15.73 -17.38
N ALA F 17 14.61 -16.23 -16.19
CA ALA F 17 14.50 -17.66 -15.88
C ALA F 17 13.04 -18.10 -15.93
N TYR F 18 12.17 -17.28 -15.34
CA TYR F 18 10.74 -17.53 -15.31
C TYR F 18 10.16 -17.65 -16.72
N LEU F 19 10.42 -16.65 -17.55
CA LEU F 19 9.91 -16.63 -18.91
C LEU F 19 10.44 -17.79 -19.77
N LYS F 20 11.65 -18.23 -19.48
CA LYS F 20 12.23 -19.33 -20.25
C LYS F 20 11.54 -20.66 -19.97
N VAL F 21 11.37 -21.00 -18.69
CA VAL F 21 10.74 -22.25 -18.29
C VAL F 21 9.25 -22.27 -18.61
N VAL F 22 8.61 -21.10 -18.55
CA VAL F 22 7.19 -21.00 -18.87
C VAL F 22 7.04 -21.29 -20.36
N GLU F 23 7.87 -20.63 -21.17
CA GLU F 23 7.85 -20.83 -22.61
C GLU F 23 8.14 -22.29 -22.95
N ASP F 24 9.19 -22.82 -22.35
CA ASP F 24 9.62 -24.18 -22.61
C ASP F 24 8.75 -25.30 -22.06
N GLU F 25 8.13 -25.09 -20.91
CA GLU F 25 7.36 -26.17 -20.30
C GLU F 25 5.97 -25.91 -19.76
N GLY F 26 5.56 -24.66 -19.64
CA GLY F 26 4.26 -24.44 -19.05
C GLY F 26 3.16 -23.82 -19.87
N ILE F 27 3.51 -22.82 -20.68
CA ILE F 27 2.50 -22.12 -21.47
C ILE F 27 1.62 -22.98 -22.39
N GLU F 28 2.19 -23.98 -23.07
CA GLU F 28 1.40 -24.83 -23.96
C GLU F 28 0.41 -25.69 -23.16
N ILE F 29 0.89 -26.26 -22.06
CA ILE F 29 0.03 -27.08 -21.22
C ILE F 29 -1.11 -26.21 -20.72
N GLN F 30 -0.76 -25.03 -20.26
CA GLN F 30 -1.71 -24.07 -19.72
C GLN F 30 -2.73 -23.59 -20.73
N LYS F 31 -2.29 -23.35 -21.96
CA LYS F 31 -3.18 -22.88 -23.02
C LYS F 31 -4.16 -23.97 -23.48
N SER F 32 -3.73 -25.22 -23.47
CA SER F 32 -4.58 -26.32 -23.89
C SER F 32 -5.74 -26.52 -22.90
N HIS F 33 -5.58 -26.02 -21.69
CA HIS F 33 -6.60 -26.14 -20.66
C HIS F 33 -7.44 -24.87 -20.50
N LEU F 34 -6.76 -23.74 -20.31
CA LEU F 34 -7.42 -22.45 -20.09
C LEU F 34 -8.13 -21.81 -21.28
N GLY F 35 -7.72 -22.13 -22.50
CA GLY F 35 -8.40 -21.59 -23.66
C GLY F 35 -7.74 -20.45 -24.41
N GLU F 36 -8.13 -19.22 -24.09
CA GLU F 36 -7.61 -18.04 -24.79
C GLU F 36 -6.67 -17.15 -23.98
N LEU F 37 -5.39 -17.14 -24.34
CA LEU F 37 -4.43 -16.26 -23.70
C LEU F 37 -4.58 -14.95 -24.44
N VAL F 38 -4.80 -13.86 -23.70
CA VAL F 38 -4.98 -12.53 -24.30
C VAL F 38 -3.65 -11.78 -24.43
N GLY F 39 -2.79 -11.92 -23.43
CA GLY F 39 -1.51 -11.25 -23.44
C GLY F 39 -0.68 -11.67 -22.26
N TYR F 40 0.64 -11.68 -22.43
CA TYR F 40 1.57 -12.08 -21.39
C TYR F 40 2.72 -11.07 -21.43
N PHE F 41 2.83 -10.25 -20.40
CA PHE F 41 3.85 -9.21 -20.36
C PHE F 41 4.76 -9.25 -19.14
N PHE F 42 5.93 -8.64 -19.27
CA PHE F 42 6.87 -8.52 -18.16
C PHE F 42 7.24 -7.04 -18.08
N SER F 43 7.59 -6.56 -16.89
CA SER F 43 7.89 -5.16 -16.68
C SER F 43 9.03 -4.51 -17.48
N GLU F 44 8.94 -3.20 -17.61
CA GLU F 44 9.93 -2.38 -18.33
C GLU F 44 10.05 -1.08 -17.57
N ILE F 45 8.92 -0.39 -17.41
CA ILE F 45 8.88 0.86 -16.66
C ILE F 45 7.70 0.79 -15.71
N GLY F 46 7.99 0.90 -14.42
CA GLY F 46 6.97 0.83 -13.38
C GLY F 46 7.41 -0.23 -12.39
N PRO F 47 6.51 -1.08 -11.89
CA PRO F 47 6.91 -2.12 -10.94
C PRO F 47 7.93 -3.04 -11.62
N ILE F 48 9.05 -3.27 -10.95
CA ILE F 48 10.11 -4.13 -11.48
C ILE F 48 9.94 -5.56 -11.01
N ASN F 49 10.37 -6.51 -11.86
CA ASN F 49 10.27 -7.95 -11.58
C ASN F 49 8.79 -8.36 -11.59
N GLU F 50 8.04 -7.77 -12.51
CA GLU F 50 6.62 -8.07 -12.60
C GLU F 50 6.19 -8.82 -13.85
N ILE F 51 5.22 -9.71 -13.66
CA ILE F 51 4.65 -10.49 -14.74
C ILE F 51 3.14 -10.24 -14.71
N VAL F 52 2.58 -10.00 -15.89
CA VAL F 52 1.15 -9.77 -16.03
C VAL F 52 0.63 -10.53 -17.24
N HIS F 53 -0.32 -11.45 -17.01
CA HIS F 53 -0.91 -12.20 -18.10
C HIS F 53 -2.42 -12.16 -17.98
N ILE F 54 -3.09 -12.14 -19.13
CA ILE F 54 -4.54 -12.05 -19.16
C ILE F 54 -5.18 -13.20 -19.92
N TRP F 55 -6.20 -13.80 -19.31
CA TRP F 55 -6.93 -14.93 -19.90
C TRP F 55 -8.43 -14.61 -20.00
N ALA F 56 -9.06 -14.99 -21.12
CA ALA F 56 -10.49 -14.73 -21.32
C ALA F 56 -11.34 -15.98 -21.15
N PHE F 57 -12.42 -15.86 -20.37
CA PHE F 57 -13.32 -16.98 -20.10
C PHE F 57 -14.78 -16.64 -20.46
N SER F 58 -15.46 -17.60 -21.08
CA SER F 58 -16.85 -17.41 -21.48
C SER F 58 -17.73 -17.16 -20.25
N SER F 59 -17.48 -17.92 -19.19
CA SER F 59 -18.22 -17.78 -17.93
C SER F 59 -17.26 -18.11 -16.80
N LEU F 60 -17.62 -17.75 -15.58
CA LEU F 60 -16.77 -18.03 -14.44
C LEU F 60 -16.83 -19.49 -13.97
N ASP F 61 -17.92 -20.18 -14.29
CA ASP F 61 -18.00 -21.58 -13.92
C ASP F 61 -17.17 -22.36 -14.94
N ASP F 62 -17.01 -21.80 -16.13
CA ASP F 62 -16.22 -22.41 -17.18
C ASP F 62 -14.75 -22.25 -16.78
N ARG F 63 -14.46 -21.09 -16.22
CA ARG F 63 -13.11 -20.81 -15.74
C ARG F 63 -12.76 -21.81 -14.65
N ALA F 64 -13.68 -21.99 -13.72
CA ALA F 64 -13.49 -22.92 -12.61
C ALA F 64 -13.23 -24.33 -13.15
N GLU F 65 -14.01 -24.69 -14.18
CA GLU F 65 -13.92 -26.01 -14.79
C GLU F 65 -12.56 -26.23 -15.45
N ARG F 66 -12.15 -25.26 -16.23
CA ARG F 66 -10.87 -25.32 -16.94
C ARG F 66 -9.67 -25.32 -16.01
N ARG F 67 -9.72 -24.50 -14.97
CA ARG F 67 -8.61 -24.43 -14.02
C ARG F 67 -8.52 -25.70 -13.19
N ALA F 68 -9.64 -26.39 -13.02
CA ALA F 68 -9.70 -27.63 -12.25
C ALA F 68 -8.98 -28.71 -13.02
N ARG F 69 -9.18 -28.70 -14.34
CA ARG F 69 -8.56 -29.69 -15.19
C ARG F 69 -7.08 -29.40 -15.33
N LEU F 70 -6.71 -28.13 -15.36
CA LEU F 70 -5.30 -27.72 -15.45
C LEU F 70 -4.59 -28.16 -14.19
N ALA F 72 -5.37 -30.59 -12.31
CA ALA F 72 -5.35 -32.04 -12.25
C ALA F 72 -4.30 -32.62 -13.19
N ASP F 73 -3.91 -31.86 -14.20
CA ASP F 73 -2.91 -32.32 -15.16
C ASP F 73 -1.59 -32.56 -14.45
N PRO F 74 -1.12 -33.81 -14.41
CA PRO F 74 0.15 -34.16 -13.74
C PRO F 74 1.35 -33.47 -14.36
N ARG F 75 1.20 -33.06 -15.62
CA ARG F 75 2.29 -32.37 -16.32
C ARG F 75 2.37 -30.96 -15.77
N TRP F 76 1.23 -30.43 -15.36
CA TRP F 76 1.14 -29.09 -14.80
C TRP F 76 1.76 -29.12 -13.41
N LEU F 77 1.47 -30.18 -12.68
CA LEU F 77 1.98 -30.36 -11.34
C LEU F 77 3.48 -30.58 -11.34
N SER F 78 4.01 -31.14 -12.43
CA SER F 78 5.44 -31.38 -12.55
C SER F 78 6.17 -30.08 -12.90
N PHE F 79 5.43 -29.18 -13.53
CA PHE F 79 5.95 -27.89 -13.94
C PHE F 79 5.97 -26.84 -12.84
N LEU F 80 4.86 -26.74 -12.13
CA LEU F 80 4.69 -25.76 -11.06
C LEU F 80 5.91 -25.49 -10.18
N PRO F 81 6.58 -26.54 -9.68
CA PRO F 81 7.76 -26.35 -8.82
C PRO F 81 8.87 -25.51 -9.45
N LYS F 82 8.81 -25.37 -10.77
CA LYS F 82 9.82 -24.64 -11.53
C LYS F 82 9.67 -23.13 -11.49
N ILE F 83 8.50 -22.65 -11.03
CA ILE F 83 8.26 -21.21 -10.93
C ILE F 83 7.68 -20.87 -9.58
N ARG F 84 7.37 -21.90 -8.81
CA ARG F 84 6.77 -21.75 -7.47
C ARG F 84 7.61 -20.91 -6.52
N ASP F 85 8.92 -20.96 -6.66
CA ASP F 85 9.80 -20.20 -5.80
C ASP F 85 10.35 -18.94 -6.47
N LEU F 86 9.97 -18.73 -7.72
CA LEU F 86 10.41 -17.55 -8.47
C LEU F 86 9.43 -16.43 -8.23
N ILE F 87 8.20 -16.80 -7.90
CA ILE F 87 7.11 -15.86 -7.63
C ILE F 87 7.04 -15.58 -6.13
N GLU F 88 7.13 -14.30 -5.75
CA GLU F 88 7.07 -13.96 -4.33
C GLU F 88 5.68 -13.57 -3.88
N VAL F 89 5.04 -12.68 -4.61
CA VAL F 89 3.69 -12.21 -4.30
C VAL F 89 2.82 -12.26 -5.55
N ALA F 90 1.53 -12.60 -5.38
CA ALA F 90 0.64 -12.67 -6.53
C ALA F 90 -0.78 -12.31 -6.18
N GLU F 91 -1.57 -12.06 -7.22
CA GLU F 91 -2.98 -11.72 -7.05
C GLU F 91 -3.60 -11.75 -8.44
N ASN F 92 -4.91 -11.94 -8.48
CA ASN F 92 -5.62 -12.00 -9.74
C ASN F 92 -6.95 -11.30 -9.61
N LYS F 93 -7.51 -10.86 -10.73
CA LYS F 93 -8.79 -10.18 -10.70
C LYS F 93 -9.57 -10.45 -11.97
N ILE F 94 -10.89 -10.40 -11.87
CA ILE F 94 -11.79 -10.64 -12.99
C ILE F 94 -12.37 -9.30 -13.43
N LYS F 96 -14.48 -7.05 -16.88
CA LYS F 96 -15.36 -7.18 -18.05
C LYS F 96 -14.93 -6.16 -19.09
N PRO F 97 -15.09 -6.50 -20.38
CA PRO F 97 -14.71 -5.60 -21.47
C PRO F 97 -15.73 -4.50 -21.68
N ALA F 98 -15.25 -3.31 -22.02
CA ALA F 98 -16.15 -2.20 -22.29
C ALA F 98 -16.74 -2.53 -23.64
N ARG F 99 -17.89 -1.94 -23.95
CA ARG F 99 -18.56 -2.19 -25.23
C ARG F 99 -17.64 -1.85 -26.40
N PHE F 100 -16.74 -0.91 -26.17
CA PHE F 100 -15.82 -0.45 -27.20
C PHE F 100 -14.43 -1.10 -27.11
N SER F 101 -14.34 -2.21 -26.40
CA SER F 101 -13.09 -2.95 -26.24
C SER F 101 -12.94 -3.93 -27.39
N PRO F 102 -11.72 -4.04 -27.95
CA PRO F 102 -11.52 -4.98 -29.06
C PRO F 102 -11.83 -6.33 -28.45
N LEU F 103 -11.33 -6.47 -27.22
CA LEU F 103 -11.51 -7.67 -26.40
C LEU F 103 -12.93 -7.63 -25.86
N PHE G 2 11.87 16.71 19.27
CA PHE G 2 11.58 15.94 18.08
C PHE G 2 11.33 14.51 18.50
N TYR G 3 10.37 13.86 17.85
CA TYR G 3 10.05 12.48 18.16
C TYR G 3 10.27 11.61 16.95
N GLU G 4 11.13 10.61 17.08
CA GLU G 4 11.39 9.69 15.99
C GLU G 4 10.63 8.41 16.26
N ILE G 5 9.83 7.99 15.28
CA ILE G 5 9.05 6.76 15.41
C ILE G 5 9.56 5.75 14.40
N ARG G 6 10.08 4.64 14.89
CA ARG G 6 10.59 3.60 14.02
C ARG G 6 9.65 2.41 14.08
N THR G 7 9.27 1.93 12.90
CA THR G 7 8.37 0.79 12.78
C THR G 7 8.99 -0.33 11.97
N TYR G 8 9.08 -1.52 12.55
CA TYR G 8 9.66 -2.66 11.85
C TYR G 8 8.65 -3.79 11.73
N ARG G 9 8.76 -4.54 10.64
CA ARG G 9 7.95 -5.73 10.45
C ARG G 9 9.00 -6.85 10.49
N LEU G 10 8.88 -7.72 11.47
CA LEU G 10 9.82 -8.82 11.65
C LEU G 10 9.39 -10.07 10.94
N LYS G 11 10.30 -11.05 10.89
CA LYS G 11 10.02 -12.33 10.27
C LYS G 11 8.88 -12.88 11.11
N ASN G 12 7.93 -13.54 10.47
CA ASN G 12 6.80 -14.09 11.19
C ASN G 12 7.22 -14.97 12.37
N GLY G 13 6.87 -14.55 13.57
CA GLY G 13 7.18 -15.31 14.76
C GLY G 13 8.45 -14.90 15.46
N ALA G 14 9.10 -13.83 14.99
CA ALA G 14 10.36 -13.39 15.57
C ALA G 14 10.29 -12.41 16.73
N ILE G 15 9.12 -11.87 17.03
CA ILE G 15 9.00 -10.89 18.13
C ILE G 15 9.58 -11.34 19.47
N PRO G 16 9.27 -12.58 19.93
CA PRO G 16 9.81 -13.04 21.22
C PRO G 16 11.34 -13.05 21.27
N ALA G 17 11.95 -13.59 20.22
CA ALA G 17 13.40 -13.67 20.10
C ALA G 17 13.99 -12.27 20.03
N TYR G 18 13.40 -11.43 19.21
CA TYR G 18 13.83 -10.04 19.04
C TYR G 18 13.83 -9.28 20.36
N LEU G 19 12.69 -9.29 21.04
CA LEU G 19 12.57 -8.58 22.31
C LEU G 19 13.52 -9.11 23.38
N LYS G 20 13.82 -10.40 23.33
CA LYS G 20 14.72 -10.97 24.33
C LYS G 20 16.15 -10.45 24.17
N VAL G 21 16.69 -10.54 22.96
CA VAL G 21 18.05 -10.09 22.66
C VAL G 21 18.20 -8.57 22.80
N VAL G 22 17.15 -7.83 22.46
CA VAL G 22 17.20 -6.37 22.58
C VAL G 22 17.27 -6.03 24.06
N GLU G 23 16.42 -6.66 24.86
CA GLU G 23 16.43 -6.43 26.29
C GLU G 23 17.76 -6.84 26.91
N ASP G 24 18.25 -8.02 26.53
CA ASP G 24 19.50 -8.55 27.05
C ASP G 24 20.79 -7.90 26.57
N GLU G 25 20.83 -7.43 25.33
CA GLU G 25 22.06 -6.86 24.82
C GLU G 25 22.06 -5.54 24.04
N GLY G 26 20.90 -5.04 23.67
CA GLY G 26 20.91 -3.82 22.88
C GLY G 26 20.34 -2.55 23.44
N ILE G 27 19.20 -2.66 24.11
CA ILE G 27 18.53 -1.48 24.66
C ILE G 27 19.37 -0.57 25.58
N GLU G 28 20.19 -1.14 26.46
CA GLU G 28 20.99 -0.30 27.36
C GLU G 28 22.06 0.45 26.59
N ILE G 29 22.72 -0.22 25.68
CA ILE G 29 23.75 0.40 24.86
C ILE G 29 23.12 1.55 24.08
N GLN G 30 21.96 1.26 23.49
CA GLN G 30 21.20 2.20 22.68
C GLN G 30 20.72 3.40 23.48
N LYS G 31 20.23 3.17 24.69
CA LYS G 31 19.75 4.27 25.53
C LYS G 31 20.87 5.18 26.00
N SER G 32 22.05 4.59 26.25
CA SER G 32 23.19 5.38 26.71
C SER G 32 23.67 6.34 25.64
N HIS G 33 23.32 6.07 24.39
CA HIS G 33 23.72 6.92 23.28
C HIS G 33 22.60 7.85 22.81
N LEU G 34 21.42 7.28 22.57
CA LEU G 34 20.27 8.02 22.07
C LEU G 34 19.57 8.95 23.04
N GLY G 35 19.68 8.71 24.33
CA GLY G 35 19.05 9.61 25.28
C GLY G 35 17.74 9.19 25.92
N GLU G 36 16.62 9.65 25.38
CA GLU G 36 15.31 9.34 25.95
C GLU G 36 14.43 8.41 25.13
N LEU G 37 14.18 7.22 25.66
CA LEU G 37 13.30 6.26 25.02
C LEU G 37 11.91 6.65 25.50
N VAL G 38 10.98 6.88 24.58
CA VAL G 38 9.62 7.28 24.95
C VAL G 38 8.70 6.07 25.15
N GLY G 39 8.85 5.07 24.29
CA GLY G 39 8.04 3.87 24.38
C GLY G 39 8.53 2.82 23.40
N TYR G 40 8.36 1.56 23.77
CA TYR G 40 8.79 0.44 22.94
C TYR G 40 7.65 -0.59 22.98
N PHE G 41 6.96 -0.76 21.85
CA PHE G 41 5.82 -1.66 21.77
C PHE G 41 5.93 -2.72 20.70
N PHE G 42 5.16 -3.80 20.87
CA PHE G 42 5.08 -4.88 19.90
C PHE G 42 3.58 -5.10 19.66
N SER G 43 3.23 -5.57 18.47
CA SER G 43 1.84 -5.75 18.10
C SER G 43 0.96 -6.68 18.93
N GLU G 44 -0.34 -6.45 18.84
CA GLU G 44 -1.35 -7.25 19.53
C GLU G 44 -2.56 -7.34 18.61
N ILE G 45 -3.05 -6.18 18.17
CA ILE G 45 -4.19 -6.10 17.26
C ILE G 45 -3.87 -5.08 16.19
N GLY G 46 -3.79 -5.57 14.95
CA GLY G 46 -3.47 -4.73 13.81
C GLY G 46 -2.36 -5.44 13.05
N PRO G 47 -1.34 -4.69 12.58
CA PRO G 47 -0.22 -5.33 11.86
C PRO G 47 0.46 -6.33 12.80
N ILE G 48 0.62 -7.56 12.33
CA ILE G 48 1.26 -8.61 13.14
C ILE G 48 2.78 -8.68 12.88
N ASN G 49 3.54 -9.06 13.90
CA ASN G 49 5.00 -9.15 13.83
C ASN G 49 5.59 -7.75 13.74
N GLU G 50 4.97 -6.80 14.43
CA GLU G 50 5.42 -5.42 14.36
C GLU G 50 6.03 -4.87 15.65
N ILE G 51 7.05 -4.05 15.46
CA ILE G 51 7.74 -3.39 16.57
C ILE G 51 7.67 -1.90 16.31
N VAL G 52 7.35 -1.15 17.35
CA VAL G 52 7.29 0.30 17.26
C VAL G 52 7.96 0.91 18.49
N HIS G 53 9.02 1.69 18.28
CA HIS G 53 9.67 2.36 19.38
C HIS G 53 9.83 3.84 19.07
N ILE G 54 9.72 4.67 20.11
CA ILE G 54 9.80 6.11 19.95
C ILE G 54 10.91 6.74 20.79
N TRP G 55 11.69 7.62 20.15
CA TRP G 55 12.80 8.30 20.80
C TRP G 55 12.64 9.82 20.65
N ALA G 56 12.97 10.57 21.70
CA ALA G 56 12.87 12.04 21.66
C ALA G 56 14.26 12.70 21.56
N PHE G 57 14.37 13.67 20.66
CA PHE G 57 15.62 14.39 20.43
C PHE G 57 15.43 15.89 20.52
N SER G 58 16.36 16.58 21.18
CA SER G 58 16.26 18.01 21.35
C SER G 58 16.29 18.72 20.01
N SER G 59 17.16 18.25 19.11
CA SER G 59 17.29 18.81 17.76
C SER G 59 17.67 17.66 16.85
N LEU G 60 17.52 17.87 15.55
CA LEU G 60 17.85 16.82 14.59
C LEU G 60 19.36 16.65 14.34
N ASP G 61 20.12 17.71 14.61
CA ASP G 61 21.57 17.61 14.48
C ASP G 61 22.09 16.85 15.69
N ASP G 62 21.37 16.96 16.80
CA ASP G 62 21.74 16.26 18.02
C ASP G 62 21.45 14.77 17.78
N ARG G 63 20.34 14.52 17.09
CA ARG G 63 19.96 13.14 16.77
C ARG G 63 21.05 12.53 15.90
N ALA G 64 21.48 13.29 14.90
CA ALA G 64 22.52 12.81 13.98
C ALA G 64 23.79 12.51 14.76
N GLU G 65 24.11 13.39 15.69
CA GLU G 65 25.31 13.26 16.52
C GLU G 65 25.27 12.01 17.38
N ARG G 66 24.13 11.80 18.04
CA ARG G 66 23.93 10.65 18.91
C ARG G 66 23.91 9.32 18.17
N ARG G 67 23.25 9.30 17.02
CA ARG G 67 23.17 8.09 16.21
C ARG G 67 24.52 7.72 15.60
N ALA G 68 25.35 8.74 15.36
CA ALA G 68 26.68 8.55 14.81
C ALA G 68 27.56 7.86 15.85
N ARG G 69 27.39 8.26 17.11
CA ARG G 69 28.16 7.67 18.17
C ARG G 69 27.69 6.26 18.45
N LEU G 70 26.38 6.04 18.35
CA LEU G 70 25.81 4.71 18.57
C LEU G 70 26.32 3.76 17.49
N ALA G 72 29.07 3.98 15.94
CA ALA G 72 30.51 3.80 16.10
C ALA G 72 30.81 2.82 17.23
N ASP G 73 29.88 2.71 18.18
CA ASP G 73 30.07 1.82 19.31
C ASP G 73 30.25 0.39 18.83
N PRO G 74 31.44 -0.18 19.04
CA PRO G 74 31.70 -1.57 18.61
C PRO G 74 30.81 -2.60 19.30
N ARG G 75 30.22 -2.22 20.43
CA ARG G 75 29.33 -3.11 21.16
C ARG G 75 27.99 -3.13 20.43
N TRP G 76 27.65 -2.01 19.81
CA TRP G 76 26.42 -1.89 19.04
C TRP G 76 26.58 -2.72 17.78
N LEU G 77 27.76 -2.62 17.16
CA LEU G 77 28.08 -3.35 15.94
C LEU G 77 28.08 -4.85 16.18
N SER G 78 28.44 -5.27 17.40
CA SER G 78 28.48 -6.68 17.74
C SER G 78 27.08 -7.21 17.97
N PHE G 79 26.18 -6.28 18.35
CA PHE G 79 24.78 -6.61 18.63
C PHE G 79 23.90 -6.67 17.39
N LEU G 80 24.04 -5.67 16.52
CA LEU G 80 23.24 -5.57 15.30
C LEU G 80 22.96 -6.88 14.56
N PRO G 81 23.98 -7.74 14.34
CA PRO G 81 23.77 -9.00 13.65
C PRO G 81 22.73 -9.92 14.30
N LYS G 82 22.42 -9.66 15.56
CA LYS G 82 21.46 -10.45 16.30
C LYS G 82 19.99 -10.15 16.01
N ILE G 83 19.73 -9.03 15.33
CA ILE G 83 18.36 -8.65 14.98
C ILE G 83 18.27 -8.25 13.52
N ARG G 84 19.43 -8.16 12.88
CA ARG G 84 19.54 -7.78 11.48
C ARG G 84 18.74 -8.65 10.52
N ASP G 85 18.62 -9.94 10.83
CA ASP G 85 17.86 -10.85 9.98
C ASP G 85 16.48 -11.14 10.53
N LEU G 86 16.15 -10.56 11.68
CA LEU G 86 14.84 -10.74 12.31
C LEU G 86 13.89 -9.68 11.77
N ILE G 87 14.47 -8.56 11.32
CA ILE G 87 13.71 -7.43 10.77
C ILE G 87 13.62 -7.57 9.25
N GLU G 88 12.41 -7.60 8.70
CA GLU G 88 12.24 -7.73 7.26
C GLU G 88 12.10 -6.39 6.54
N VAL G 89 11.20 -5.54 7.05
CA VAL G 89 10.94 -4.22 6.48
C VAL G 89 10.95 -3.18 7.60
N ALA G 90 11.47 -1.99 7.32
CA ALA G 90 11.52 -0.94 8.33
C ALA G 90 11.37 0.45 7.74
N GLU G 91 11.09 1.41 8.61
CA GLU G 91 10.95 2.81 8.23
C GLU G 91 10.86 3.62 9.49
N ASN G 92 11.24 4.88 9.39
CA ASN G 92 11.20 5.76 10.56
C ASN G 92 10.68 7.14 10.14
N LYS G 93 10.14 7.89 11.09
CA LYS G 93 9.63 9.21 10.80
C LYS G 93 9.82 10.15 11.97
N ILE G 94 9.96 11.43 11.66
CA ILE G 94 10.15 12.46 12.69
C ILE G 94 8.86 13.23 12.84
N LYS G 96 6.43 16.06 15.59
CA LYS G 96 6.51 17.07 16.63
C LYS G 96 5.33 16.91 17.56
N PRO G 97 5.50 17.27 18.84
CA PRO G 97 4.42 17.16 19.81
C PRO G 97 3.41 18.30 19.72
N ALA G 98 2.13 17.98 19.90
CA ALA G 98 1.11 19.01 19.90
C ALA G 98 1.34 19.78 21.20
N ARG G 99 0.87 21.02 21.25
CA ARG G 99 1.05 21.82 22.46
C ARG G 99 0.45 21.13 23.67
N PHE G 100 -0.58 20.33 23.43
CA PHE G 100 -1.28 19.63 24.49
C PHE G 100 -0.82 18.20 24.68
N SER G 101 0.36 17.90 24.17
CA SER G 101 0.94 16.56 24.30
C SER G 101 1.71 16.49 25.60
N PRO G 102 1.60 15.36 26.33
CA PRO G 102 2.34 15.24 27.60
C PRO G 102 3.79 15.31 27.15
N LEU G 103 4.06 14.60 26.04
CA LEU G 103 5.37 14.54 25.41
C LEU G 103 5.59 15.86 24.68
N PHE H 2 -2.36 -1.59 27.97
CA PHE H 2 -2.59 -1.66 26.53
C PHE H 2 -2.36 -0.26 25.95
N TYR H 3 -1.75 -0.21 24.78
CA TYR H 3 -1.50 1.05 24.12
C TYR H 3 -2.21 1.10 22.78
N GLU H 4 -3.08 2.11 22.62
CA GLU H 4 -3.81 2.29 21.37
C GLU H 4 -3.13 3.40 20.59
N ILE H 5 -2.77 3.11 19.36
CA ILE H 5 -2.14 4.11 18.51
C ILE H 5 -3.07 4.42 17.34
N ARG H 6 -3.52 5.66 17.28
CA ARG H 6 -4.42 6.10 16.21
C ARG H 6 -3.65 7.02 15.25
N THR H 7 -3.75 6.71 13.96
CA THR H 7 -3.05 7.48 12.93
C THR H 7 -4.05 7.99 11.91
N TYR H 8 -4.08 9.31 11.72
CA TYR H 8 -4.98 9.91 10.74
C TYR H 8 -4.21 10.65 9.67
N ARG H 9 -4.78 10.68 8.47
CA ARG H 9 -4.20 11.43 7.38
C ARG H 9 -5.27 12.49 7.15
N LEU H 10 -4.90 13.74 7.35
CA LEU H 10 -5.84 14.84 7.19
C LEU H 10 -5.84 15.43 5.78
N LYS H 11 -6.83 16.27 5.52
CA LYS H 11 -6.95 16.97 4.25
C LYS H 11 -5.64 17.78 4.16
N ASN H 12 -5.05 17.86 2.98
CA ASN H 12 -3.81 18.58 2.84
C ASN H 12 -3.91 20.03 3.37
N GLY H 13 -3.09 20.32 4.38
CA GLY H 13 -3.07 21.65 4.97
C GLY H 13 -3.97 21.83 6.18
N ALA H 14 -4.64 20.76 6.61
CA ALA H 14 -5.56 20.85 7.75
C ALA H 14 -4.98 20.68 9.16
N ILE H 15 -3.71 20.31 9.28
CA ILE H 15 -3.13 20.11 10.61
C ILE H 15 -3.28 21.30 11.58
N PRO H 16 -2.94 22.53 11.14
CA PRO H 16 -3.06 23.68 12.03
C PRO H 16 -4.46 23.86 12.58
N ALA H 17 -5.45 23.80 11.69
CA ALA H 17 -6.86 23.96 12.05
C ALA H 17 -7.30 22.84 12.99
N TYR H 18 -6.93 21.62 12.64
CA TYR H 18 -7.24 20.44 13.43
C TYR H 18 -6.69 20.56 14.85
N LEU H 19 -5.40 20.84 14.98
CA LEU H 19 -4.75 20.96 16.29
C LEU H 19 -5.32 22.07 17.12
N LYS H 20 -5.78 23.13 16.49
CA LYS H 20 -6.35 24.26 17.23
C LYS H 20 -7.68 23.89 17.87
N VAL H 21 -8.61 23.35 17.08
CA VAL H 21 -9.92 22.97 17.59
C VAL H 21 -9.86 21.80 18.59
N VAL H 22 -8.90 20.91 18.40
CA VAL H 22 -8.72 19.78 19.30
C VAL H 22 -8.26 20.33 20.65
N GLU H 23 -7.26 21.21 20.60
CA GLU H 23 -6.75 21.83 21.82
C GLU H 23 -7.85 22.67 22.49
N ASP H 24 -8.55 23.48 21.71
CA ASP H 24 -9.59 24.33 22.25
C ASP H 24 -10.90 23.65 22.69
N GLU H 25 -11.30 22.57 22.01
CA GLU H 25 -12.57 21.95 22.38
C GLU H 25 -12.66 20.45 22.53
N GLY H 26 -11.63 19.71 22.14
CA GLY H 26 -11.77 18.27 22.22
C GLY H 26 -10.92 17.47 23.18
N ILE H 27 -9.65 17.82 23.27
CA ILE H 27 -8.72 17.10 24.10
C ILE H 27 -9.11 16.95 25.58
N GLU H 28 -9.60 18.03 26.19
CA GLU H 28 -9.98 17.93 27.61
C GLU H 28 -11.14 16.99 27.83
N ILE H 29 -12.16 17.09 26.98
CA ILE H 29 -13.32 16.23 27.05
C ILE H 29 -12.88 14.78 26.89
N GLN H 30 -12.03 14.56 25.90
CA GLN H 30 -11.50 13.25 25.57
C GLN H 30 -10.64 12.66 26.69
N LYS H 31 -9.82 13.49 27.32
CA LYS H 31 -8.95 13.03 28.40
C LYS H 31 -9.72 12.67 29.67
N SER H 32 -10.81 13.39 29.91
CA SER H 32 -11.63 13.14 31.08
C SER H 32 -12.33 11.79 30.99
N HIS H 33 -12.44 11.26 29.77
CA HIS H 33 -13.09 9.97 29.55
C HIS H 33 -12.12 8.83 29.34
N LEU H 34 -11.17 9.04 28.43
CA LEU H 34 -10.20 8.01 28.06
C LEU H 34 -9.09 7.70 29.08
N GLY H 35 -8.80 8.65 29.97
CA GLY H 35 -7.78 8.39 30.97
C GLY H 35 -6.38 8.94 30.77
N GLU H 36 -5.46 8.13 30.23
CA GLU H 36 -4.08 8.57 30.03
C GLU H 36 -3.62 8.78 28.59
N LEU H 37 -3.38 10.03 28.24
CA LEU H 37 -2.87 10.37 26.90
C LEU H 37 -1.35 10.21 27.01
N VAL H 38 -0.78 9.38 26.13
CA VAL H 38 0.66 9.13 26.17
C VAL H 38 1.45 10.12 25.33
N GLY H 39 0.89 10.46 24.16
CA GLY H 39 1.54 11.39 23.29
C GLY H 39 0.62 11.77 22.14
N TYR H 40 0.80 12.98 21.63
CA TYR H 40 -0.01 13.46 20.52
C TYR H 40 0.94 14.22 19.60
N PHE H 41 1.16 13.68 18.41
CA PHE H 41 2.11 14.25 17.45
C PHE H 41 1.55 14.52 16.08
N PHE H 42 2.20 15.43 15.36
CA PHE H 42 1.83 15.76 13.98
C PHE H 42 3.13 15.63 13.17
N SER H 43 3.00 15.29 11.90
CA SER H 43 4.14 15.08 11.04
C SER H 43 5.13 16.22 10.83
N GLU H 44 6.35 15.85 10.47
CA GLU H 44 7.44 16.78 10.21
C GLU H 44 8.24 16.20 9.05
N ILE H 45 8.70 14.97 9.22
CA ILE H 45 9.43 14.28 8.16
C ILE H 45 8.84 12.88 8.04
N GLY H 46 8.31 12.58 6.86
CA GLY H 46 7.71 11.30 6.58
C GLY H 46 6.34 11.56 6.00
N PRO H 47 5.32 10.80 6.40
CA PRO H 47 3.97 11.02 5.87
C PRO H 47 3.53 12.45 6.26
N ILE H 48 3.06 13.20 5.28
CA ILE H 48 2.63 14.57 5.51
C ILE H 48 1.14 14.64 5.79
N ASN H 49 0.73 15.61 6.61
CA ASN H 49 -0.65 15.80 6.99
C ASN H 49 -1.07 14.67 7.90
N GLU H 50 -0.16 14.21 8.74
CA GLU H 50 -0.45 13.11 9.63
C GLU H 50 -0.52 13.44 11.11
N ILE H 51 -1.46 12.80 11.79
CA ILE H 51 -1.64 12.96 13.22
C ILE H 51 -1.48 11.57 13.84
N VAL H 52 -0.75 11.50 14.94
CA VAL H 52 -0.58 10.24 15.65
C VAL H 52 -0.71 10.51 17.15
N HIS H 53 -1.69 9.88 17.79
CA HIS H 53 -1.86 10.01 19.24
C HIS H 53 -1.95 8.65 19.89
N ILE H 54 -1.38 8.55 21.09
CA ILE H 54 -1.35 7.28 21.81
C ILE H 54 -2.02 7.34 23.18
N TRP H 55 -2.89 6.36 23.43
CA TRP H 55 -3.62 6.26 24.69
C TRP H 55 -3.37 4.91 25.36
N ALA H 56 -3.21 4.92 26.68
CA ALA H 56 -2.97 3.68 27.46
C ALA H 56 -4.22 3.25 28.25
N PHE H 57 -4.54 1.95 28.13
CA PHE H 57 -5.71 1.38 28.81
C PHE H 57 -5.31 0.17 29.66
N SER H 58 -5.88 0.09 30.86
CA SER H 58 -5.58 -1.01 31.77
C SER H 58 -6.00 -2.35 31.17
N SER H 59 -7.16 -2.35 30.51
CA SER H 59 -7.68 -3.54 29.87
C SER H 59 -8.49 -3.09 28.66
N LEU H 60 -8.75 -4.01 27.74
CA LEU H 60 -9.50 -3.66 26.54
C LEU H 60 -11.00 -3.49 26.79
N ASP H 61 -11.50 -4.11 27.86
CA ASP H 61 -12.91 -3.97 28.17
C ASP H 61 -13.09 -2.61 28.86
N ASP H 62 -12.03 -2.13 29.49
CA ASP H 62 -12.05 -0.83 30.16
C ASP H 62 -12.01 0.22 29.05
N ARG H 63 -11.24 -0.07 28.01
CA ARG H 63 -11.13 0.82 26.86
C ARG H 63 -12.52 0.95 26.24
N ALA H 64 -13.18 -0.19 26.04
CA ALA H 64 -14.50 -0.22 25.44
C ALA H 64 -15.49 0.60 26.29
N GLU H 65 -15.36 0.44 27.59
CA GLU H 65 -16.21 1.14 28.55
C GLU H 65 -16.02 2.65 28.46
N ARG H 66 -14.76 3.07 28.47
CA ARG H 66 -14.40 4.48 28.41
C ARG H 66 -14.78 5.15 27.11
N ARG H 67 -14.58 4.44 26.00
CA ARG H 67 -14.90 4.96 24.69
C ARG H 67 -16.40 5.06 24.46
N ALA H 68 -17.15 4.21 25.15
CA ALA H 68 -18.60 4.20 25.06
C ALA H 68 -19.15 5.44 25.78
N ARG H 69 -18.52 5.79 26.89
CA ARG H 69 -18.93 6.96 27.64
C ARG H 69 -18.56 8.23 26.89
N LEU H 70 -17.39 8.22 26.23
CA LEU H 70 -16.93 9.37 25.46
C LEU H 70 -17.89 9.61 24.29
N ALA H 72 -20.95 8.83 24.17
CA ALA H 72 -22.25 9.23 24.68
C ALA H 72 -22.25 10.69 25.11
N ASP H 73 -21.07 11.23 25.40
CA ASP H 73 -20.97 12.62 25.85
C ASP H 73 -21.45 13.55 24.75
N PRO H 74 -22.57 14.24 24.98
CA PRO H 74 -23.10 15.15 23.97
C PRO H 74 -22.15 16.31 23.62
N ARG H 75 -21.18 16.57 24.49
CA ARG H 75 -20.18 17.61 24.23
C ARG H 75 -19.21 17.06 23.20
N TRP H 76 -19.00 15.76 23.24
CA TRP H 76 -18.09 15.10 22.31
C TRP H 76 -18.76 15.09 20.93
N LEU H 77 -20.06 14.83 20.93
CA LEU H 77 -20.84 14.77 19.70
C LEU H 77 -20.96 16.14 19.07
N SER H 78 -20.88 17.18 19.88
CA SER H 78 -20.96 18.55 19.36
C SER H 78 -19.62 18.95 18.75
N PHE H 79 -18.56 18.32 19.26
CA PHE H 79 -17.20 18.59 18.82
C PHE H 79 -16.82 17.85 17.55
N LEU H 80 -17.11 16.55 17.50
CA LEU H 80 -16.77 15.70 16.36
C LEU H 80 -16.91 16.33 14.97
N PRO H 81 -18.04 17.00 14.68
CA PRO H 81 -18.22 17.62 13.36
C PRO H 81 -17.13 18.62 12.97
N LYS H 82 -16.37 19.08 13.96
CA LYS H 82 -15.32 20.07 13.73
C LYS H 82 -14.02 19.47 13.19
N ILE H 83 -13.88 18.15 13.24
CA ILE H 83 -12.68 17.50 12.72
C ILE H 83 -13.06 16.34 11.81
N ARG H 84 -14.35 16.02 11.78
CA ARG H 84 -14.87 14.92 10.97
C ARG H 84 -14.53 15.02 9.47
N ASP H 85 -14.47 16.24 8.96
CA ASP H 85 -14.16 16.44 7.56
C ASP H 85 -12.71 16.85 7.33
N LEU H 86 -11.95 16.98 8.40
CA LEU H 86 -10.55 17.35 8.31
C LEU H 86 -9.72 16.07 8.18
N ILE H 87 -10.27 14.96 8.67
CA ILE H 87 -9.64 13.65 8.63
C ILE H 87 -10.09 12.91 7.39
N GLU H 88 -9.16 12.47 6.55
CA GLU H 88 -9.55 11.74 5.33
C GLU H 88 -9.50 10.23 5.51
N VAL H 89 -8.39 9.74 6.05
CA VAL H 89 -8.19 8.30 6.28
C VAL H 89 -7.68 8.08 7.70
N ALA H 90 -8.14 7.00 8.35
CA ALA H 90 -7.73 6.70 9.71
C ALA H 90 -7.63 5.21 10.00
N GLU H 91 -6.95 4.88 11.08
CA GLU H 91 -6.79 3.50 11.52
C GLU H 91 -6.19 3.53 12.90
N ASN H 92 -6.43 2.47 13.66
CA ASN H 92 -5.92 2.40 15.01
C ASN H 92 -5.41 0.99 15.31
N LYS H 93 -4.50 0.86 16.26
CA LYS H 93 -3.99 -0.45 16.61
C LYS H 93 -3.67 -0.52 18.08
N ILE H 94 -3.75 -1.73 18.64
CA ILE H 94 -3.46 -1.97 20.04
C ILE H 94 -2.12 -2.66 20.15
N LYS H 96 1.39 -3.71 22.98
CA LYS H 96 1.79 -3.95 24.36
C LYS H 96 3.21 -3.44 24.55
N PRO H 97 3.53 -2.96 25.76
CA PRO H 97 4.85 -2.45 26.08
C PRO H 97 5.89 -3.54 26.29
N ALA H 98 7.11 -3.30 25.82
CA ALA H 98 8.18 -4.27 26.04
C ALA H 98 8.51 -4.14 27.52
N ARG H 99 9.07 -5.18 28.11
CA ARG H 99 9.42 -5.15 29.52
C ARG H 99 10.34 -3.97 29.85
N PHE H 100 11.11 -3.55 28.85
CA PHE H 100 12.05 -2.46 29.03
C PHE H 100 11.53 -1.12 28.51
N SER H 101 10.21 -1.01 28.37
CA SER H 101 9.58 0.21 27.90
C SER H 101 9.27 1.07 29.11
N PRO H 102 9.49 2.39 29.00
CA PRO H 102 9.20 3.29 30.12
C PRO H 102 7.71 3.13 30.35
N LEU H 103 7.02 3.13 29.21
CA LEU H 103 5.58 2.97 29.14
C LEU H 103 5.27 1.51 29.40
#